data_4R9J
#
_entry.id   4R9J
#
_cell.length_a   97.170
_cell.length_b   97.170
_cell.length_c   139.990
_cell.angle_alpha   90.00
_cell.angle_beta   90.00
_cell.angle_gamma   120.00
#
_symmetry.space_group_name_H-M   'P 32 2 1'
#
loop_
_entity.id
_entity.type
_entity.pdbx_description
1 polymer Ficolin-2
2 branched beta-D-mannopyranose-(1-4)-2-acetamido-2-deoxy-beta-D-glucopyranose-(1-4)-2-acetamido-2-deoxy-beta-D-glucopyranose
3 non-polymer 'CALCIUM ION'
4 non-polymer 'ACETATE ION'
5 non-polymer 'SULFATE ION'
6 non-polymer 2-amino-2-deoxy-6-O-sulfo-alpha-D-glucopyranose
7 non-polymer 2-acetamido-2-deoxy-beta-D-glucopyranose
8 water water
#
_entity_poly.entity_id   1
_entity_poly.type   'polypeptide(L)'
_entity_poly.pdbx_seq_one_letter_code
;PCLTGPRTCKDLLDRGHFLSGWHTIYLPDCRPLTVLCDMDTDGGGWTVFQRRVDGSVDFYRDWATYKQGFGSRLGEFWLG
NDNIHALTAQGTSELRVDLVDFEDNYQFAKYRSFKVADEAEKYNLVLGAFVEGSAGDSLTFHNNQSFSTKDQDNDLNTGN
CAVMFQGAWWYKNCHVSNLNGRYLRGTHGSFANGINWKSGKGYNYSYKVSEMKVRPA
;
_entity_poly.pdbx_strand_id   G,A,B
#
# COMPACT_ATOMS: atom_id res chain seq x y z
N PRO A 1 -11.03 18.73 -19.34
CA PRO A 1 -10.60 17.71 -18.33
C PRO A 1 -9.09 17.85 -18.08
N CYS A 2 -8.31 17.93 -19.16
CA CYS A 2 -6.97 18.43 -19.06
C CYS A 2 -6.92 19.87 -18.57
N LEU A 3 -7.72 20.78 -19.11
CA LEU A 3 -7.49 22.16 -18.73
C LEU A 3 -7.88 22.52 -17.31
N THR A 4 -8.85 21.81 -16.76
N THR A 4 -8.85 21.82 -16.74
CA THR A 4 -9.23 21.95 -15.36
CA THR A 4 -9.21 21.99 -15.33
C THR A 4 -8.42 21.11 -14.39
C THR A 4 -8.42 21.11 -14.38
N GLY A 5 -7.82 20.03 -14.88
CA GLY A 5 -7.17 19.08 -14.02
C GLY A 5 -5.82 19.59 -13.46
N PRO A 6 -5.38 19.01 -12.36
CA PRO A 6 -4.08 19.31 -11.85
C PRO A 6 -2.91 18.90 -12.81
N ARG A 7 -1.84 19.69 -12.81
CA ARG A 7 -0.64 19.45 -13.69
C ARG A 7 0.55 18.84 -12.92
N THR A 8 0.55 18.98 -11.59
CA THR A 8 1.59 18.51 -10.75
C THR A 8 1.02 18.14 -9.39
N CYS A 9 1.83 17.47 -8.59
CA CYS A 9 1.45 17.14 -7.22
C CYS A 9 1.30 18.43 -6.40
N LYS A 10 2.08 19.44 -6.76
CA LYS A 10 2.01 20.75 -6.07
C LYS A 10 0.63 21.37 -6.29
N ASP A 11 0.09 21.28 -7.51
CA ASP A 11 -1.31 21.75 -7.76
C ASP A 11 -2.29 21.01 -6.85
N LEU A 12 -2.10 19.69 -6.69
CA LEU A 12 -3.01 18.91 -5.81
C LEU A 12 -2.90 19.38 -4.36
N LEU A 13 -1.67 19.65 -3.87
CA LEU A 13 -1.52 20.13 -2.52
C LEU A 13 -2.26 21.47 -2.39
N ASP A 14 -2.04 22.34 -3.36
CA ASP A 14 -2.69 23.67 -3.40
C ASP A 14 -4.18 23.53 -3.40
N ARG A 15 -4.72 22.46 -3.95
CA ARG A 15 -6.15 22.27 -3.96
C ARG A 15 -6.69 21.47 -2.78
N GLY A 16 -5.89 21.31 -1.72
CA GLY A 16 -6.40 20.68 -0.51
C GLY A 16 -6.23 19.16 -0.41
N HIS A 17 -5.32 18.56 -1.16
CA HIS A 17 -4.97 17.14 -0.96
C HIS A 17 -3.76 17.02 -0.09
N PHE A 18 -3.95 16.68 1.19
CA PHE A 18 -2.86 16.79 2.18
C PHE A 18 -2.16 15.48 2.51
N LEU A 19 -2.67 14.39 2.02
CA LEU A 19 -2.12 13.05 2.30
C LEU A 19 -1.33 12.50 1.10
N SER A 20 -0.13 11.98 1.35
CA SER A 20 0.61 11.36 0.30
C SER A 20 -0.24 10.20 -0.26
N GLY A 21 -0.09 9.98 -1.56
CA GLY A 21 -0.70 8.82 -2.22
C GLY A 21 -0.83 9.05 -3.73
N TRP A 22 -1.46 8.11 -4.42
CA TRP A 22 -1.45 8.07 -5.89
C TRP A 22 -2.58 8.92 -6.41
N HIS A 23 -2.30 9.83 -7.30
CA HIS A 23 -3.35 10.71 -7.86
C HIS A 23 -3.05 10.88 -9.38
N THR A 24 -4.06 11.28 -10.14
CA THR A 24 -3.91 11.56 -11.55
C THR A 24 -3.49 13.02 -11.75
N ILE A 25 -2.46 13.25 -12.57
CA ILE A 25 -2.18 14.58 -13.04
C ILE A 25 -2.21 14.58 -14.56
N TYR A 26 -2.21 15.75 -15.18
CA TYR A 26 -2.23 15.87 -16.65
C TYR A 26 -0.88 16.46 -17.05
N LEU A 27 -0.15 15.70 -17.87
CA LEU A 27 1.14 16.10 -18.35
C LEU A 27 1.01 17.26 -19.31
N PRO A 28 2.13 17.94 -19.65
CA PRO A 28 2.02 19.13 -20.54
C PRO A 28 1.34 18.85 -21.90
N ASP A 29 1.46 17.63 -22.40
CA ASP A 29 0.74 17.20 -23.62
C ASP A 29 -0.73 16.67 -23.38
N CYS A 30 -1.29 16.95 -22.19
CA CYS A 30 -2.64 16.55 -21.78
C CYS A 30 -2.89 15.06 -21.54
N ARG A 31 -1.88 14.24 -21.69
CA ARG A 31 -1.99 12.87 -21.28
C ARG A 31 -2.16 12.70 -19.73
N PRO A 32 -3.14 11.89 -19.26
CA PRO A 32 -3.22 11.64 -17.84
C PRO A 32 -2.16 10.63 -17.37
N LEU A 33 -1.63 10.80 -16.15
CA LEU A 33 -0.69 9.88 -15.57
C LEU A 33 -0.99 9.83 -14.10
N THR A 34 -1.07 8.62 -13.55
CA THR A 34 -1.23 8.42 -12.12
C THR A 34 0.14 8.33 -11.42
N VAL A 35 0.39 9.30 -10.53
CA VAL A 35 1.63 9.48 -9.88
C VAL A 35 1.53 9.44 -8.33
N LEU A 36 2.67 9.21 -7.68
CA LEU A 36 2.74 9.19 -6.22
C LEU A 36 3.15 10.54 -5.74
N CYS A 37 2.21 11.23 -5.07
CA CYS A 37 2.50 12.54 -4.47
C CYS A 37 2.97 12.38 -3.05
N ASP A 38 4.00 13.10 -2.68
CA ASP A 38 4.46 13.11 -1.29
C ASP A 38 4.05 14.49 -0.81
N MET A 39 3.04 14.50 0.06
CA MET A 39 2.56 15.73 0.70
C MET A 39 3.06 15.95 2.12
N ASP A 40 3.89 15.06 2.62
CA ASP A 40 4.33 14.99 4.01
C ASP A 40 5.79 15.48 4.23
N THR A 41 6.69 15.24 3.28
CA THR A 41 8.12 15.61 3.43
C THR A 41 8.43 17.02 2.98
N ASP A 42 9.11 17.80 3.81
CA ASP A 42 9.66 19.09 3.43
C ASP A 42 8.68 20.01 2.73
N GLY A 43 7.51 20.19 3.30
CA GLY A 43 6.51 21.09 2.75
C GLY A 43 5.53 20.42 1.83
N GLY A 44 5.85 19.21 1.34
CA GLY A 44 4.87 18.51 0.52
C GLY A 44 4.83 19.01 -0.92
N GLY A 45 4.08 18.32 -1.76
CA GLY A 45 3.86 18.69 -3.16
C GLY A 45 4.88 18.11 -4.15
N TRP A 46 5.60 17.05 -3.71
CA TRP A 46 6.59 16.35 -4.52
C TRP A 46 5.96 15.23 -5.28
N THR A 47 6.38 15.08 -6.54
CA THR A 47 6.01 13.98 -7.39
C THR A 47 7.13 12.96 -7.31
N VAL A 48 6.82 11.74 -6.83
CA VAL A 48 7.80 10.75 -6.62
C VAL A 48 8.00 9.90 -7.89
N PHE A 49 9.25 9.83 -8.40
CA PHE A 49 9.55 9.03 -9.60
C PHE A 49 10.32 7.70 -9.39
N GLN A 50 10.85 7.50 -8.19
CA GLN A 50 11.53 6.28 -7.83
C GLN A 50 11.23 5.98 -6.40
N ARG A 51 10.94 4.72 -6.14
CA ARG A 51 10.73 4.29 -4.75
C ARG A 51 11.19 2.86 -4.55
N ARG A 52 12.03 2.69 -3.53
CA ARG A 52 12.43 1.39 -3.04
C ARG A 52 12.09 1.28 -1.52
N VAL A 53 11.56 0.14 -1.09
CA VAL A 53 11.15 -0.01 0.28
C VAL A 53 11.32 -1.41 0.85
N ASP A 54 11.33 -2.45 0.02
CA ASP A 54 11.32 -3.84 0.55
C ASP A 54 11.90 -4.90 -0.38
N GLY A 55 12.43 -4.52 -1.54
CA GLY A 55 13.06 -5.54 -2.40
C GLY A 55 12.10 -6.38 -3.14
N SER A 56 10.81 -6.03 -3.18
CA SER A 56 9.81 -6.85 -3.89
C SER A 56 9.91 -6.77 -5.44
N VAL A 57 10.51 -5.71 -5.99
CA VAL A 57 10.63 -5.50 -7.44
C VAL A 57 12.08 -5.59 -7.92
N ASP A 58 12.25 -6.27 -9.02
CA ASP A 58 13.54 -6.41 -9.70
C ASP A 58 13.82 -5.12 -10.51
N PHE A 59 14.88 -4.41 -10.17
CA PHE A 59 15.28 -3.17 -10.81
C PHE A 59 16.38 -3.37 -11.86
N TYR A 60 16.86 -4.61 -12.03
CA TYR A 60 17.91 -4.89 -12.99
C TYR A 60 17.25 -5.16 -14.34
N ARG A 61 16.74 -4.07 -14.94
CA ARG A 61 15.89 -4.12 -16.12
C ARG A 61 16.49 -3.44 -17.35
N ASP A 62 15.95 -3.79 -18.51
CA ASP A 62 16.48 -3.36 -19.79
C ASP A 62 15.99 -1.92 -20.15
N TRP A 63 16.46 -1.45 -21.31
CA TRP A 63 16.25 -0.10 -21.73
C TRP A 63 14.74 0.19 -21.95
N ALA A 64 14.06 -0.68 -22.69
CA ALA A 64 12.59 -0.58 -22.99
C ALA A 64 11.78 -0.53 -21.70
N THR A 65 12.24 -1.29 -20.71
CA THR A 65 11.48 -1.37 -19.43
C THR A 65 11.69 -0.07 -18.61
N TYR A 66 12.94 0.43 -18.52
CA TYR A 66 13.18 1.73 -17.92
C TYR A 66 12.45 2.87 -18.65
N LYS A 67 12.37 2.78 -19.97
CA LYS A 67 11.75 3.83 -20.81
C LYS A 67 10.27 3.98 -20.44
N GLN A 68 9.58 2.84 -20.34
CA GLN A 68 8.12 2.87 -20.09
C GLN A 68 7.72 2.93 -18.62
N GLY A 69 8.64 2.53 -17.73
CA GLY A 69 8.40 2.45 -16.29
C GLY A 69 7.93 1.05 -15.89
N PHE A 70 8.10 0.70 -14.61
CA PHE A 70 7.80 -0.66 -14.12
C PHE A 70 7.66 -0.61 -12.60
N GLY A 71 7.02 -1.65 -12.09
CA GLY A 71 6.82 -1.86 -10.68
C GLY A 71 5.36 -1.73 -10.29
N SER A 72 5.13 -1.31 -9.05
CA SER A 72 3.81 -1.34 -8.48
C SER A 72 3.48 -0.13 -7.59
N ARG A 73 2.29 0.38 -7.76
CA ARG A 73 1.81 1.41 -6.85
C ARG A 73 1.73 0.93 -5.36
N LEU A 74 1.63 -0.38 -5.15
CA LEU A 74 1.58 -0.92 -3.78
C LEU A 74 2.91 -0.83 -3.12
N GLY A 75 3.97 -0.59 -3.88
CA GLY A 75 5.29 -0.65 -3.31
C GLY A 75 6.40 0.09 -4.08
N GLU A 76 7.20 -0.67 -4.81
CA GLU A 76 8.43 -0.14 -5.45
C GLU A 76 8.20 0.13 -6.93
N PHE A 77 8.78 1.18 -7.47
CA PHE A 77 8.63 1.48 -8.89
C PHE A 77 9.67 2.43 -9.40
N TRP A 78 9.77 2.45 -10.73
CA TRP A 78 10.42 3.56 -11.50
C TRP A 78 9.38 4.06 -12.46
N LEU A 79 9.10 5.35 -12.41
CA LEU A 79 7.94 5.89 -13.13
C LEU A 79 8.11 5.82 -14.65
N GLY A 80 9.36 5.81 -15.11
CA GLY A 80 9.63 5.73 -16.51
C GLY A 80 10.38 6.93 -17.05
N ASN A 81 11.35 6.70 -17.92
CA ASN A 81 12.16 7.81 -18.46
C ASN A 81 11.37 8.75 -19.35
N ASP A 82 10.43 8.24 -20.15
CA ASP A 82 9.58 9.16 -20.97
C ASP A 82 8.77 10.04 -20.08
N ASN A 83 8.23 9.45 -19.02
CA ASN A 83 7.41 10.25 -18.04
C ASN A 83 8.26 11.27 -17.29
N ILE A 84 9.46 10.89 -16.89
CA ILE A 84 10.32 11.77 -16.08
C ILE A 84 10.80 12.94 -16.95
N HIS A 85 11.10 12.63 -18.21
CA HIS A 85 11.35 13.69 -19.18
C HIS A 85 10.12 14.64 -19.28
N ALA A 86 8.92 14.10 -19.46
CA ALA A 86 7.73 14.95 -19.62
C ALA A 86 7.51 15.84 -18.41
N LEU A 87 7.71 15.27 -17.22
CA LEU A 87 7.54 15.99 -15.97
C LEU A 87 8.56 17.10 -15.81
N THR A 88 9.77 16.96 -16.37
CA THR A 88 10.84 17.92 -16.03
C THR A 88 11.27 18.80 -17.24
N ALA A 89 10.66 18.62 -18.39
CA ALA A 89 11.17 19.23 -19.68
C ALA A 89 11.15 20.73 -19.69
N GLN A 90 10.10 21.29 -19.11
CA GLN A 90 9.92 22.72 -19.19
C GLN A 90 9.84 23.30 -17.82
N GLY A 91 10.60 24.38 -17.60
CA GLY A 91 10.57 25.03 -16.31
C GLY A 91 11.50 24.30 -15.37
N THR A 92 11.35 24.60 -14.10
CA THR A 92 12.39 24.09 -13.25
C THR A 92 11.85 23.40 -12.05
N SER A 93 12.15 22.12 -12.04
CA SER A 93 11.84 21.29 -10.95
C SER A 93 13.08 21.19 -10.09
N GLU A 94 12.90 21.32 -8.79
CA GLU A 94 13.92 20.86 -7.85
C GLU A 94 13.84 19.34 -7.58
N LEU A 95 14.93 18.77 -7.07
CA LEU A 95 15.00 17.36 -6.80
C LEU A 95 15.34 17.15 -5.30
N ARG A 96 14.64 16.18 -4.73
CA ARG A 96 14.98 15.66 -3.42
C ARG A 96 15.09 14.15 -3.45
N VAL A 97 16.10 13.65 -2.78
CA VAL A 97 16.36 12.26 -2.57
C VAL A 97 16.24 11.98 -1.05
N ASP A 98 15.34 11.08 -0.68
CA ASP A 98 15.15 10.66 0.71
C ASP A 98 15.63 9.22 0.85
N LEU A 99 16.44 8.99 1.88
CA LEU A 99 17.05 7.69 2.16
C LEU A 99 16.84 7.31 3.64
N VAL A 100 16.55 6.04 3.91
CA VAL A 100 16.44 5.51 5.25
C VAL A 100 17.23 4.23 5.36
N ASP A 101 18.10 4.15 6.38
CA ASP A 101 18.84 2.92 6.61
C ASP A 101 18.04 1.92 7.48
N PHE A 102 18.65 0.78 7.79
CA PHE A 102 17.96 -0.27 8.50
C PHE A 102 17.98 0.00 10.01
N GLU A 103 18.58 1.09 10.45
CA GLU A 103 18.44 1.56 11.85
C GLU A 103 17.51 2.74 11.99
N ASP A 104 16.66 2.94 11.01
CA ASP A 104 15.86 4.14 10.96
C ASP A 104 16.60 5.50 11.09
N ASN A 105 17.82 5.62 10.58
CA ASN A 105 18.39 6.94 10.36
C ASN A 105 17.88 7.43 9.01
N TYR A 106 17.33 8.65 8.99
CA TYR A 106 16.80 9.38 7.83
C TYR A 106 17.86 10.38 7.33
N GLN A 107 18.14 10.37 6.01
CA GLN A 107 19.09 11.31 5.43
C GLN A 107 18.48 11.77 4.14
N PHE A 108 18.97 12.90 3.63
CA PHE A 108 18.42 13.44 2.37
C PHE A 108 19.46 14.28 1.64
N ALA A 109 19.16 14.52 0.37
CA ALA A 109 19.93 15.49 -0.47
C ALA A 109 18.98 16.26 -1.34
N LYS A 110 19.29 17.50 -1.58
CA LYS A 110 18.45 18.35 -2.36
C LYS A 110 19.27 19.13 -3.39
N TYR A 111 18.75 19.17 -4.62
CA TYR A 111 19.40 19.88 -5.73
C TYR A 111 18.46 20.97 -6.25
N ARG A 112 19.04 22.07 -6.72
CA ARG A 112 18.26 23.23 -7.13
C ARG A 112 17.42 23.05 -8.36
N SER A 113 17.88 22.20 -9.28
CA SER A 113 17.11 21.90 -10.49
C SER A 113 17.49 20.51 -10.97
N PHE A 114 16.58 19.92 -11.74
CA PHE A 114 16.73 18.53 -12.20
C PHE A 114 15.90 18.36 -13.45
N LYS A 115 16.55 18.00 -14.54
CA LYS A 115 15.85 17.75 -15.80
C LYS A 115 16.50 16.59 -16.53
N VAL A 116 15.67 15.74 -17.14
CA VAL A 116 16.19 14.71 -17.97
C VAL A 116 15.69 14.92 -19.38
N ALA A 117 16.61 14.80 -20.32
CA ALA A 117 16.33 15.07 -21.74
C ALA A 117 15.55 13.90 -22.31
N ASP A 118 15.25 13.94 -23.61
N ASP A 118 15.27 13.94 -23.61
CA ASP A 118 14.45 12.92 -24.25
CA ASP A 118 14.46 12.93 -24.23
C ASP A 118 15.29 11.73 -24.67
C ASP A 118 15.29 11.74 -24.67
N GLU A 119 14.62 10.74 -25.26
CA GLU A 119 15.26 9.47 -25.59
C GLU A 119 16.45 9.67 -26.58
N ALA A 120 16.27 10.56 -27.49
CA ALA A 120 17.30 10.87 -28.50
C ALA A 120 18.58 11.41 -27.86
N GLU A 121 18.46 12.12 -26.73
CA GLU A 121 19.61 12.53 -25.96
C GLU A 121 19.97 11.49 -24.82
N LYS A 122 19.42 10.28 -24.96
CA LYS A 122 19.67 9.21 -23.97
C LYS A 122 19.32 9.63 -22.52
N TYR A 123 18.26 10.41 -22.39
CA TYR A 123 17.77 10.87 -21.07
C TYR A 123 18.89 11.47 -20.26
N ASN A 124 19.73 12.23 -20.95
CA ASN A 124 20.82 13.07 -20.36
C ASN A 124 20.35 13.81 -19.12
N LEU A 125 21.15 13.71 -18.04
CA LEU A 125 20.87 14.36 -16.76
C LEU A 125 21.42 15.79 -16.80
N VAL A 126 20.53 16.74 -16.56
CA VAL A 126 20.91 18.12 -16.39
C VAL A 126 20.55 18.49 -14.93
N LEU A 127 21.57 18.59 -14.11
CA LEU A 127 21.39 18.73 -12.65
C LEU A 127 21.94 20.07 -12.21
N GLY A 128 21.19 20.81 -11.40
CA GLY A 128 21.64 22.06 -10.81
C GLY A 128 22.41 21.82 -9.55
N ALA A 129 22.78 22.89 -8.89
CA ALA A 129 23.65 22.82 -7.68
C ALA A 129 23.05 22.03 -6.51
N PHE A 130 23.92 21.34 -5.80
CA PHE A 130 23.66 20.80 -4.46
C PHE A 130 23.26 21.92 -3.55
N VAL A 131 22.10 21.81 -2.93
CA VAL A 131 21.64 22.85 -1.98
C VAL A 131 22.10 22.47 -0.55
N GLU A 132 21.70 21.29 -0.10
CA GLU A 132 22.00 20.81 1.23
C GLU A 132 21.57 19.36 1.33
N GLY A 133 21.95 18.75 2.44
CA GLY A 133 21.47 17.46 2.82
C GLY A 133 22.40 16.66 3.69
N SER A 134 21.85 16.02 4.70
CA SER A 134 22.63 15.17 5.59
C SER A 134 23.19 13.95 4.90
N ALA A 135 22.64 13.51 3.74
CA ALA A 135 23.27 12.37 3.02
C ALA A 135 24.53 12.78 2.25
N GLY A 136 24.75 14.07 2.07
CA GLY A 136 25.86 14.61 1.29
C GLY A 136 25.58 14.50 -0.24
N ASP A 137 26.44 15.12 -1.05
CA ASP A 137 26.28 15.18 -2.48
C ASP A 137 26.90 13.94 -3.18
N SER A 138 26.05 13.02 -3.59
CA SER A 138 26.52 11.93 -4.44
C SER A 138 25.79 11.88 -5.83
N LEU A 139 25.47 13.04 -6.40
CA LEU A 139 24.85 13.11 -7.70
C LEU A 139 25.50 14.09 -8.68
N THR A 140 26.15 15.14 -8.20
CA THR A 140 26.80 16.11 -9.08
C THR A 140 27.82 15.40 -10.00
N PHE A 141 28.49 14.40 -9.45
CA PHE A 141 29.39 13.52 -10.24
C PHE A 141 28.72 13.00 -11.51
N HIS A 142 27.39 12.79 -11.46
CA HIS A 142 26.64 12.21 -12.54
C HIS A 142 26.00 13.21 -13.53
N ASN A 143 26.24 14.49 -13.33
CA ASN A 143 25.73 15.52 -14.22
C ASN A 143 26.23 15.25 -15.65
N ASN A 144 25.35 15.50 -16.62
CA ASN A 144 25.70 15.46 -18.04
C ASN A 144 26.05 14.03 -18.55
N GLN A 145 25.53 13.00 -17.87
CA GLN A 145 25.68 11.64 -18.31
C GLN A 145 24.37 11.15 -18.89
N SER A 146 24.51 10.32 -19.93
CA SER A 146 23.41 9.54 -20.46
C SER A 146 22.92 8.56 -19.40
N PHE A 147 21.66 8.15 -19.53
CA PHE A 147 21.16 6.99 -18.75
C PHE A 147 21.66 5.68 -19.47
N SER A 148 21.98 4.65 -18.67
CA SER A 148 22.43 3.37 -19.14
C SER A 148 21.69 2.25 -18.42
N THR A 149 21.42 1.18 -19.18
CA THR A 149 20.94 -0.11 -18.67
C THR A 149 21.87 -1.22 -19.15
N LYS A 150 21.68 -2.40 -18.64
CA LYS A 150 22.53 -3.55 -18.91
C LYS A 150 22.65 -3.82 -20.42
N ASP A 151 21.56 -3.62 -21.18
CA ASP A 151 21.59 -3.88 -22.64
C ASP A 151 21.87 -2.65 -23.44
N GLN A 152 22.08 -1.49 -22.80
CA GLN A 152 22.45 -0.26 -23.55
C GLN A 152 23.41 0.55 -22.72
N ASP A 153 24.71 0.38 -23.06
CA ASP A 153 25.81 0.98 -22.36
C ASP A 153 26.12 2.37 -22.97
N ASN A 154 25.78 3.44 -22.25
CA ASN A 154 26.03 4.74 -22.68
C ASN A 154 26.93 5.49 -21.72
N ASP A 155 27.68 4.73 -20.91
CA ASP A 155 28.47 5.29 -19.86
C ASP A 155 29.85 5.68 -20.41
N LEU A 156 30.73 6.19 -19.57
CA LEU A 156 32.08 6.55 -19.98
C LEU A 156 33.13 5.58 -19.48
N ASN A 157 32.73 4.36 -19.13
CA ASN A 157 33.63 3.35 -18.69
C ASN A 157 33.79 2.42 -19.89
N THR A 158 34.99 1.89 -19.94
CA THR A 158 35.41 0.97 -20.94
C THR A 158 34.69 -0.41 -20.74
N GLY A 159 34.27 -0.74 -19.54
CA GLY A 159 33.28 -1.85 -19.36
C GLY A 159 31.83 -1.35 -19.25
N ASN A 160 30.97 -2.22 -18.78
CA ASN A 160 29.56 -2.00 -18.70
C ASN A 160 29.21 -1.73 -17.23
N CYS A 161 29.00 -0.48 -16.90
CA CYS A 161 28.70 -0.10 -15.50
C CYS A 161 27.44 -0.74 -14.94
N ALA A 162 26.37 -0.72 -15.73
CA ALA A 162 25.10 -1.32 -15.29
C ALA A 162 25.24 -2.77 -14.89
N VAL A 163 26.03 -3.52 -15.64
CA VAL A 163 26.26 -4.94 -15.34
C VAL A 163 27.23 -5.06 -14.15
N MET A 164 28.31 -4.29 -14.15
CA MET A 164 29.29 -4.33 -13.07
C MET A 164 28.66 -3.99 -11.72
N PHE A 165 27.70 -3.03 -11.72
CA PHE A 165 27.09 -2.55 -10.50
C PHE A 165 25.59 -2.86 -10.34
N GLN A 166 25.10 -3.76 -11.19
CA GLN A 166 23.82 -4.38 -11.17
C GLN A 166 22.69 -3.39 -10.93
N GLY A 167 22.64 -2.39 -11.80
CA GLY A 167 21.62 -1.35 -11.72
C GLY A 167 21.31 -0.72 -13.10
N ALA A 168 20.80 0.51 -13.06
CA ALA A 168 20.50 1.37 -14.21
C ALA A 168 20.56 2.80 -13.68
N TRP A 169 21.29 3.67 -14.38
CA TRP A 169 21.60 4.98 -13.85
C TRP A 169 22.29 5.80 -14.88
N TRP A 170 22.55 7.05 -14.49
CA TRP A 170 23.35 7.95 -15.28
C TRP A 170 24.84 7.76 -15.01
N TYR A 171 25.32 6.54 -15.30
CA TYR A 171 26.65 6.17 -14.98
C TYR A 171 27.67 7.01 -15.76
N LYS A 172 28.76 7.31 -15.09
CA LYS A 172 29.95 7.88 -15.68
C LYS A 172 31.01 6.79 -15.80
N ASN A 173 31.90 6.68 -14.82
N ASN A 173 31.90 6.64 -14.82
CA ASN A 173 33.00 5.74 -14.87
CA ASN A 173 32.92 5.59 -14.86
C ASN A 173 33.38 5.25 -13.43
C ASN A 173 33.36 5.01 -13.52
N CYS A 174 32.44 4.71 -12.61
CA CYS A 174 31.05 4.46 -12.94
C CYS A 174 30.03 5.22 -12.06
N HIS A 175 30.18 5.17 -10.74
CA HIS A 175 29.26 5.87 -9.90
C HIS A 175 29.76 6.22 -8.51
N VAL A 176 29.03 7.18 -7.96
CA VAL A 176 29.00 7.45 -6.50
C VAL A 176 27.58 7.30 -5.91
N SER A 177 26.55 7.21 -6.76
CA SER A 177 25.22 6.76 -6.34
C SER A 177 24.68 5.71 -7.28
N ASN A 178 23.84 4.84 -6.77
CA ASN A 178 23.36 3.65 -7.49
C ASN A 178 21.99 3.22 -6.93
N LEU A 179 21.05 4.15 -6.91
CA LEU A 179 19.77 3.91 -6.18
C LEU A 179 18.83 2.91 -6.83
N ASN A 180 19.09 2.55 -8.09
CA ASN A 180 18.39 1.42 -8.72
C ASN A 180 19.21 0.09 -8.68
N GLY A 181 20.13 0.01 -7.77
CA GLY A 181 20.92 -1.21 -7.58
C GLY A 181 20.15 -2.28 -6.84
N ARG A 182 20.81 -3.36 -6.49
N ARG A 182 20.81 -3.36 -6.49
CA ARG A 182 20.13 -4.49 -5.88
CA ARG A 182 20.13 -4.51 -5.89
C ARG A 182 19.74 -4.17 -4.43
C ARG A 182 19.74 -4.18 -4.43
N TYR A 183 18.62 -4.75 -3.99
CA TYR A 183 18.10 -4.54 -2.66
C TYR A 183 18.83 -5.50 -1.72
N LEU A 184 20.01 -5.09 -1.25
CA LEU A 184 20.88 -6.07 -0.55
C LEU A 184 20.78 -5.99 0.99
N ARG A 185 19.97 -5.08 1.53
CA ARG A 185 19.60 -5.09 2.98
C ARG A 185 20.79 -4.81 3.92
N GLY A 186 21.30 -3.59 3.91
CA GLY A 186 22.33 -3.18 4.83
C GLY A 186 23.69 -3.55 4.29
N THR A 187 24.59 -3.98 5.14
CA THR A 187 25.96 -4.25 4.74
C THR A 187 26.00 -5.40 3.73
N HIS A 188 26.87 -5.28 2.73
CA HIS A 188 27.12 -6.34 1.74
C HIS A 188 28.63 -6.33 1.36
N GLY A 189 29.17 -7.53 1.17
CA GLY A 189 30.55 -7.74 0.74
C GLY A 189 30.76 -7.51 -0.73
N SER A 190 29.72 -7.63 -1.53
CA SER A 190 29.78 -7.27 -2.95
C SER A 190 30.02 -5.75 -3.10
N PHE A 191 30.79 -5.36 -4.10
CA PHE A 191 31.24 -4.01 -4.21
C PHE A 191 30.23 -3.10 -4.97
N ALA A 192 29.61 -2.16 -4.27
CA ALA A 192 28.99 -1.00 -4.91
C ALA A 192 27.86 -1.37 -5.84
N ASN A 193 27.23 -2.51 -5.58
CA ASN A 193 26.10 -3.00 -6.42
C ASN A 193 24.77 -3.00 -5.72
N GLY A 194 24.71 -2.31 -4.59
CA GLY A 194 23.49 -2.17 -3.83
C GLY A 194 22.84 -0.83 -4.02
N ILE A 195 21.82 -0.51 -3.17
CA ILE A 195 21.22 0.80 -3.18
C ILE A 195 22.18 1.70 -2.41
N ASN A 196 23.18 2.22 -3.13
CA ASN A 196 24.30 2.92 -2.46
C ASN A 196 24.33 4.42 -2.74
N TRP A 197 24.69 5.20 -1.74
CA TRP A 197 24.94 6.62 -1.88
C TRP A 197 26.29 6.89 -1.15
N LYS A 198 27.35 7.10 -1.93
CA LYS A 198 28.72 7.02 -1.38
C LYS A 198 28.94 7.93 -0.16
N SER A 199 28.52 9.18 -0.24
CA SER A 199 28.67 10.15 0.82
C SER A 199 27.77 9.89 2.00
N GLY A 200 26.77 9.01 1.82
CA GLY A 200 25.91 8.62 2.90
C GLY A 200 26.51 7.41 3.63
N LYS A 201 26.05 6.22 3.30
CA LYS A 201 26.55 5.03 3.94
C LYS A 201 27.63 4.23 3.18
N GLY A 202 28.07 4.75 2.02
CA GLY A 202 29.22 4.16 1.34
C GLY A 202 28.89 3.09 0.31
N TYR A 203 29.94 2.45 -0.22
CA TYR A 203 29.82 1.49 -1.34
C TYR A 203 29.47 0.03 -0.94
N ASN A 204 29.37 -0.22 0.38
CA ASN A 204 29.00 -1.53 0.91
C ASN A 204 27.84 -1.52 1.90
N TYR A 205 26.95 -0.53 1.77
CA TYR A 205 25.69 -0.53 2.52
C TYR A 205 24.49 -0.17 1.62
N SER A 206 23.46 -1.02 1.65
CA SER A 206 22.25 -0.87 0.81
C SER A 206 21.08 -0.40 1.68
N TYR A 207 20.56 0.77 1.38
CA TYR A 207 19.49 1.39 2.17
C TYR A 207 18.23 0.56 2.21
N LYS A 208 17.40 0.87 3.20
CA LYS A 208 16.08 0.25 3.34
C LYS A 208 15.00 0.95 2.48
N VAL A 209 15.08 2.26 2.41
CA VAL A 209 14.13 3.10 1.66
C VAL A 209 14.95 4.08 0.84
N SER A 210 14.54 4.22 -0.41
CA SER A 210 15.03 5.29 -1.32
C SER A 210 13.83 5.92 -1.99
N GLU A 211 13.76 7.26 -2.07
CA GLU A 211 12.79 7.94 -2.88
C GLU A 211 13.42 9.13 -3.63
N MET A 212 13.08 9.26 -4.89
CA MET A 212 13.57 10.39 -5.70
C MET A 212 12.32 11.11 -6.12
N LYS A 213 12.32 12.42 -5.96
CA LYS A 213 11.12 13.19 -6.19
C LYS A 213 11.32 14.59 -6.63
N VAL A 214 10.36 15.14 -7.37
CA VAL A 214 10.48 16.50 -7.91
C VAL A 214 9.32 17.43 -7.60
N ARG A 215 9.61 18.74 -7.64
CA ARG A 215 8.59 19.77 -7.35
C ARG A 215 9.02 21.04 -8.12
N PRO A 216 8.06 21.81 -8.67
CA PRO A 216 8.36 23.14 -9.25
C PRO A 216 9.10 24.07 -8.27
N ALA A 217 10.16 24.73 -8.70
CA ALA A 217 10.82 25.70 -7.85
C ALA A 217 10.90 27.06 -8.53
N PRO B 1 -19.97 5.18 -21.14
CA PRO B 1 -19.49 4.62 -19.85
C PRO B 1 -18.50 3.44 -20.01
N CYS B 2 -18.98 2.41 -20.69
CA CYS B 2 -18.56 1.01 -20.67
C CYS B 2 -18.05 0.68 -22.06
N LEU B 3 -18.63 1.40 -23.02
CA LEU B 3 -18.64 1.08 -24.46
C LEU B 3 -17.25 0.91 -25.01
N THR B 4 -16.41 1.88 -24.65
CA THR B 4 -14.98 1.92 -24.96
C THR B 4 -14.04 1.85 -23.73
N GLY B 5 -14.56 1.72 -22.51
CA GLY B 5 -13.72 1.57 -21.32
C GLY B 5 -12.98 0.23 -21.33
N PRO B 6 -11.93 0.12 -20.51
CA PRO B 6 -11.24 -1.14 -20.46
C PRO B 6 -12.08 -2.29 -19.91
N ARG B 7 -11.90 -3.47 -20.49
CA ARG B 7 -12.60 -4.68 -20.05
C ARG B 7 -11.72 -5.63 -19.23
N THR B 8 -10.41 -5.48 -19.33
CA THR B 8 -9.50 -6.30 -18.57
C THR B 8 -8.23 -5.50 -18.22
N CYS B 9 -7.37 -6.11 -17.40
CA CYS B 9 -6.09 -5.51 -17.07
C CYS B 9 -5.19 -5.47 -18.34
N LYS B 10 -5.39 -6.42 -19.25
CA LYS B 10 -4.64 -6.45 -20.53
C LYS B 10 -4.98 -5.22 -21.40
N ASP B 11 -6.24 -4.84 -21.45
CA ASP B 11 -6.62 -3.59 -22.14
C ASP B 11 -5.91 -2.36 -21.54
N LEU B 12 -5.86 -2.30 -20.20
CA LEU B 12 -5.16 -1.23 -19.56
C LEU B 12 -3.68 -1.19 -19.92
N LEU B 13 -3.02 -2.33 -19.92
CA LEU B 13 -1.61 -2.38 -20.29
C LEU B 13 -1.43 -1.88 -21.74
N ASP B 14 -2.30 -2.35 -22.63
CA ASP B 14 -2.24 -1.95 -24.03
C ASP B 14 -2.45 -0.44 -24.14
N ARG B 15 -3.16 0.17 -23.21
CA ARG B 15 -3.32 1.63 -23.27
C ARG B 15 -2.28 2.42 -22.48
N GLY B 16 -1.18 1.80 -22.12
CA GLY B 16 -0.06 2.52 -21.49
C GLY B 16 -0.10 2.59 -19.97
N HIS B 17 -0.82 1.70 -19.30
CA HIS B 17 -0.76 1.65 -17.83
C HIS B 17 0.29 0.60 -17.45
N PHE B 18 1.53 1.04 -17.17
CA PHE B 18 2.63 0.13 -17.01
C PHE B 18 2.93 -0.31 -15.53
N LEU B 19 2.29 0.34 -14.58
CA LEU B 19 2.51 0.08 -13.17
C LEU B 19 1.38 -0.77 -12.65
N SER B 20 1.70 -1.80 -11.84
CA SER B 20 0.73 -2.60 -11.18
C SER B 20 0.01 -1.75 -10.21
N GLY B 21 -1.26 -2.12 -10.00
CA GLY B 21 -2.08 -1.46 -9.01
C GLY B 21 -3.56 -1.61 -9.25
N TRP B 22 -4.38 -0.89 -8.52
CA TRP B 22 -5.84 -1.07 -8.57
C TRP B 22 -6.43 -0.17 -9.64
N HIS B 23 -7.19 -0.71 -10.57
CA HIS B 23 -7.76 0.08 -11.64
C HIS B 23 -9.20 -0.38 -11.82
N THR B 24 -10.04 0.48 -12.43
CA THR B 24 -11.42 0.11 -12.76
C THR B 24 -11.52 -0.54 -14.12
N ILE B 25 -12.16 -1.70 -14.19
CA ILE B 25 -12.49 -2.32 -15.48
C ILE B 25 -14.01 -2.49 -15.55
N TYR B 26 -14.53 -2.73 -16.77
CA TYR B 26 -15.96 -2.88 -16.99
C TYR B 26 -16.23 -4.35 -17.34
N LEU B 27 -16.97 -5.02 -16.48
CA LEU B 27 -17.26 -6.44 -16.62
C LEU B 27 -18.15 -6.62 -17.86
N PRO B 28 -18.31 -7.87 -18.33
CA PRO B 28 -19.08 -8.07 -19.57
C PRO B 28 -20.49 -7.47 -19.52
N ASP B 29 -21.10 -7.41 -18.35
CA ASP B 29 -22.40 -6.75 -18.20
C ASP B 29 -22.36 -5.25 -17.92
N CYS B 30 -21.18 -4.64 -18.10
CA CYS B 30 -20.93 -3.20 -17.91
C CYS B 30 -20.83 -2.69 -16.47
N ARG B 31 -21.00 -3.56 -15.48
CA ARG B 31 -20.73 -3.17 -14.08
C ARG B 31 -19.23 -2.78 -13.94
N PRO B 32 -18.94 -1.66 -13.27
CA PRO B 32 -17.54 -1.35 -13.00
C PRO B 32 -17.03 -2.19 -11.82
N LEU B 33 -15.77 -2.58 -11.86
CA LEU B 33 -15.15 -3.27 -10.71
C LEU B 33 -13.71 -2.82 -10.61
N THR B 34 -13.27 -2.46 -9.41
CA THR B 34 -11.89 -2.06 -9.17
C THR B 34 -11.08 -3.31 -8.81
N VAL B 35 -10.11 -3.60 -9.66
CA VAL B 35 -9.30 -4.81 -9.60
C VAL B 35 -7.80 -4.55 -9.56
N LEU B 36 -7.04 -5.56 -9.12
CA LEU B 36 -5.63 -5.43 -9.03
C LEU B 36 -5.05 -5.96 -10.30
N CYS B 37 -4.36 -5.08 -11.04
CA CYS B 37 -3.62 -5.48 -12.21
C CYS B 37 -2.15 -5.73 -11.88
N ASP B 38 -1.62 -6.85 -12.40
CA ASP B 38 -0.18 -7.18 -12.35
C ASP B 38 0.34 -6.92 -13.76
N MET B 39 1.04 -5.79 -13.88
CA MET B 39 1.56 -5.32 -15.17
C MET B 39 3.01 -5.76 -15.41
N ASP B 40 3.56 -6.57 -14.51
CA ASP B 40 4.97 -6.96 -14.55
C ASP B 40 5.14 -8.46 -14.93
N THR B 41 4.51 -9.35 -14.17
CA THR B 41 4.81 -10.75 -14.36
C THR B 41 4.51 -11.27 -15.76
N ASP B 42 5.46 -11.96 -16.42
CA ASP B 42 5.14 -12.74 -17.62
C ASP B 42 4.42 -11.93 -18.73
N GLY B 43 4.94 -10.76 -19.04
CA GLY B 43 4.35 -9.87 -20.07
C GLY B 43 3.36 -8.87 -19.49
N GLY B 44 2.87 -9.06 -18.25
CA GLY B 44 1.96 -8.14 -17.64
C GLY B 44 0.53 -8.30 -18.16
N GLY B 45 -0.39 -7.55 -17.56
CA GLY B 45 -1.76 -7.56 -18.00
C GLY B 45 -2.67 -8.60 -17.34
N TRP B 46 -2.28 -9.07 -16.15
CA TRP B 46 -3.04 -10.05 -15.38
C TRP B 46 -3.92 -9.39 -14.38
N THR B 47 -5.10 -9.91 -14.23
CA THR B 47 -6.08 -9.49 -13.24
C THR B 47 -5.99 -10.45 -12.02
N VAL B 48 -5.56 -9.95 -10.89
CA VAL B 48 -5.24 -10.78 -9.73
C VAL B 48 -6.51 -10.94 -8.87
N PHE B 49 -6.93 -12.18 -8.61
CA PHE B 49 -8.13 -12.43 -7.82
C PHE B 49 -7.89 -13.05 -6.44
N GLN B 50 -6.65 -13.45 -6.14
CA GLN B 50 -6.25 -13.93 -4.81
C GLN B 50 -4.84 -13.43 -4.57
N ARG B 51 -4.61 -12.93 -3.35
CA ARG B 51 -3.31 -12.54 -2.94
C ARG B 51 -3.08 -12.75 -1.43
N ARG B 52 -2.01 -13.48 -1.13
CA ARG B 52 -1.53 -13.75 0.20
C ARG B 52 -0.11 -13.25 0.28
N VAL B 53 0.25 -12.56 1.34
CA VAL B 53 1.61 -12.04 1.45
C VAL B 53 2.17 -11.97 2.86
N ASP B 54 1.33 -12.00 3.91
CA ASP B 54 1.86 -11.83 5.27
C ASP B 54 0.99 -12.38 6.38
N GLY B 55 -0.11 -13.08 6.06
CA GLY B 55 -0.91 -13.64 7.11
C GLY B 55 -1.72 -12.62 7.88
N SER B 56 -1.91 -11.39 7.38
CA SER B 56 -2.73 -10.37 8.08
C SER B 56 -4.23 -10.68 7.99
N VAL B 57 -4.73 -11.40 6.95
CA VAL B 57 -6.15 -11.64 6.73
C VAL B 57 -6.55 -13.10 7.03
N ASP B 58 -7.69 -13.28 7.67
CA ASP B 58 -8.25 -14.60 7.96
C ASP B 58 -8.93 -15.12 6.70
N PHE B 59 -8.42 -16.20 6.15
CA PHE B 59 -9.01 -16.84 4.95
C PHE B 59 -9.93 -18.03 5.30
N TYR B 60 -10.11 -18.32 6.59
CA TYR B 60 -10.97 -19.44 7.02
C TYR B 60 -12.40 -18.93 7.16
N ARG B 61 -12.99 -18.62 5.99
CA ARG B 61 -14.25 -17.91 5.91
C ARG B 61 -15.41 -18.69 5.31
N ASP B 62 -16.63 -18.16 5.52
CA ASP B 62 -17.83 -18.87 5.15
C ASP B 62 -18.21 -18.63 3.70
N TRP B 63 -19.31 -19.24 3.28
CA TRP B 63 -19.78 -19.22 1.88
C TRP B 63 -20.10 -17.78 1.41
N ALA B 64 -20.87 -17.04 2.24
CA ALA B 64 -21.27 -15.67 1.98
C ALA B 64 -20.03 -14.79 1.82
N THR B 65 -19.01 -15.06 2.62
CA THR B 65 -17.84 -14.21 2.62
C THR B 65 -16.99 -14.48 1.34
N TYR B 66 -16.85 -15.74 0.95
CA TYR B 66 -16.15 -16.12 -0.26
C TYR B 66 -16.93 -15.63 -1.51
N LYS B 67 -18.25 -15.65 -1.42
N LYS B 67 -18.25 -15.66 -1.42
CA LYS B 67 -19.11 -15.15 -2.49
CA LYS B 67 -19.12 -15.15 -2.48
C LYS B 67 -18.90 -13.67 -2.77
C LYS B 67 -18.90 -13.67 -2.77
N GLN B 68 -18.86 -12.88 -1.71
CA GLN B 68 -18.72 -11.43 -1.79
C GLN B 68 -17.30 -10.91 -2.05
N GLY B 69 -16.34 -11.63 -1.54
CA GLY B 69 -14.93 -11.24 -1.53
C GLY B 69 -14.63 -10.65 -0.16
N PHE B 70 -13.35 -10.58 0.21
CA PHE B 70 -12.94 -10.05 1.53
C PHE B 70 -11.46 -9.71 1.50
N GLY B 71 -11.06 -8.85 2.42
CA GLY B 71 -9.68 -8.49 2.61
C GLY B 71 -9.41 -7.02 2.30
N SER B 72 -8.21 -6.72 1.87
CA SER B 72 -7.81 -5.33 1.70
C SER B 72 -7.02 -5.11 0.40
N ARG B 73 -7.34 -4.01 -0.30
CA ARG B 73 -6.61 -3.61 -1.45
C ARG B 73 -5.15 -3.34 -1.13
N LEU B 74 -4.84 -2.94 0.13
CA LEU B 74 -3.47 -2.71 0.56
C LEU B 74 -2.70 -4.02 0.91
N GLY B 75 -3.35 -5.18 0.87
CA GLY B 75 -2.68 -6.45 1.29
C GLY B 75 -3.34 -7.67 0.69
N GLU B 76 -3.88 -8.48 1.55
CA GLU B 76 -4.33 -9.81 1.17
C GLU B 76 -5.80 -9.73 0.84
N PHE B 77 -6.24 -10.50 -0.16
CA PHE B 77 -7.66 -10.51 -0.46
C PHE B 77 -8.06 -11.71 -1.30
N TRP B 78 -9.35 -11.97 -1.30
CA TRP B 78 -10.00 -12.85 -2.26
C TRP B 78 -11.05 -11.94 -2.94
N LEU B 79 -11.02 -11.86 -4.27
CA LEU B 79 -11.82 -10.83 -4.99
C LEU B 79 -13.34 -11.12 -4.91
N GLY B 80 -13.65 -12.39 -4.74
CA GLY B 80 -15.05 -12.80 -4.59
C GLY B 80 -15.52 -13.71 -5.73
N ASN B 81 -16.25 -14.75 -5.37
CA ASN B 81 -16.67 -15.76 -6.33
C ASN B 81 -17.63 -15.22 -7.40
N ASP B 82 -18.56 -14.31 -7.04
CA ASP B 82 -19.45 -13.72 -8.07
C ASP B 82 -18.58 -12.91 -9.06
N ASN B 83 -17.61 -12.16 -8.53
CA ASN B 83 -16.72 -11.37 -9.41
C ASN B 83 -15.83 -12.25 -10.30
N ILE B 84 -15.34 -13.37 -9.75
CA ILE B 84 -14.38 -14.25 -10.49
C ILE B 84 -15.13 -14.93 -11.59
N HIS B 85 -16.37 -15.35 -11.28
CA HIS B 85 -17.27 -15.87 -12.29
C HIS B 85 -17.45 -14.83 -13.42
N ALA B 86 -17.78 -13.58 -13.05
CA ALA B 86 -18.06 -12.56 -14.09
C ALA B 86 -16.84 -12.29 -14.94
N LEU B 87 -15.67 -12.32 -14.31
CA LEU B 87 -14.42 -12.18 -15.06
C LEU B 87 -14.13 -13.30 -16.01
N THR B 88 -14.50 -14.52 -15.69
CA THR B 88 -14.03 -15.63 -16.49
C THR B 88 -15.10 -16.29 -17.33
N ALA B 89 -16.32 -15.77 -17.28
CA ALA B 89 -17.46 -16.45 -17.95
C ALA B 89 -17.35 -16.54 -19.48
N GLN B 90 -16.90 -15.46 -20.10
CA GLN B 90 -16.77 -15.31 -21.59
C GLN B 90 -15.32 -15.18 -22.05
N GLY B 91 -14.86 -16.14 -22.85
CA GLY B 91 -13.80 -15.87 -23.79
C GLY B 91 -12.41 -16.23 -23.33
N THR B 92 -12.24 -17.45 -22.86
CA THR B 92 -10.91 -17.94 -22.59
C THR B 92 -9.92 -17.00 -21.88
N SER B 93 -9.90 -17.10 -20.56
CA SER B 93 -8.84 -16.53 -19.73
C SER B 93 -7.88 -17.61 -19.36
N GLU B 94 -6.62 -17.35 -19.55
CA GLU B 94 -5.55 -18.16 -18.98
C GLU B 94 -5.39 -17.88 -17.46
N LEU B 95 -4.83 -18.85 -16.75
CA LEU B 95 -4.55 -18.74 -15.30
C LEU B 95 -3.06 -18.89 -15.03
N ARG B 96 -2.57 -18.02 -14.19
CA ARG B 96 -1.25 -18.16 -13.63
C ARG B 96 -1.33 -18.11 -12.09
N VAL B 97 -0.57 -19.01 -11.49
CA VAL B 97 -0.39 -19.09 -10.03
C VAL B 97 1.07 -18.77 -9.74
N ASP B 98 1.33 -17.71 -8.98
CA ASP B 98 2.68 -17.29 -8.63
C ASP B 98 2.87 -17.53 -7.13
N LEU B 99 3.95 -18.25 -6.81
CA LEU B 99 4.27 -18.67 -5.44
C LEU B 99 5.67 -18.23 -5.08
N VAL B 100 5.85 -17.71 -3.86
CA VAL B 100 7.18 -17.35 -3.38
C VAL B 100 7.39 -17.97 -2.00
N ASP B 101 8.53 -18.65 -1.83
CA ASP B 101 8.85 -19.24 -0.49
C ASP B 101 9.55 -18.23 0.42
N PHE B 102 9.87 -18.65 1.63
CA PHE B 102 10.48 -17.75 2.65
C PHE B 102 11.98 -17.49 2.40
N GLU B 103 12.57 -18.06 1.37
CA GLU B 103 13.90 -17.65 1.00
C GLU B 103 13.87 -16.85 -0.29
N ASP B 104 12.71 -16.28 -0.63
CA ASP B 104 12.51 -15.55 -1.86
C ASP B 104 12.70 -16.30 -3.17
N ASN B 105 12.57 -17.61 -3.18
CA ASN B 105 12.55 -18.34 -4.45
C ASN B 105 11.15 -18.38 -5.04
N TYR B 106 11.02 -18.09 -6.32
CA TYR B 106 9.77 -17.99 -7.10
C TYR B 106 9.51 -19.28 -7.85
N GLN B 107 8.26 -19.75 -7.85
N GLN B 107 8.24 -19.72 -7.88
CA GLN B 107 7.82 -20.91 -8.65
CA GLN B 107 7.82 -20.85 -8.69
C GLN B 107 6.45 -20.48 -9.23
C GLN B 107 6.43 -20.48 -9.24
N PHE B 108 6.01 -21.14 -10.30
CA PHE B 108 4.71 -20.78 -10.94
C PHE B 108 4.09 -21.96 -11.62
N ALA B 109 2.79 -21.81 -11.89
CA ALA B 109 2.08 -22.74 -12.76
C ALA B 109 1.17 -21.95 -13.70
N LYS B 110 1.02 -22.43 -14.91
CA LYS B 110 0.16 -21.78 -15.88
C LYS B 110 -0.74 -22.74 -16.62
N TYR B 111 -2.00 -22.34 -16.78
CA TYR B 111 -3.03 -23.16 -17.41
C TYR B 111 -3.68 -22.41 -18.57
N ARG B 112 -4.00 -23.16 -19.64
CA ARG B 112 -4.43 -22.58 -20.92
C ARG B 112 -5.80 -21.89 -20.82
N SER B 113 -6.65 -22.35 -19.89
CA SER B 113 -7.91 -21.69 -19.62
C SER B 113 -8.36 -21.96 -18.16
N PHE B 114 -9.23 -21.10 -17.67
CA PHE B 114 -9.72 -21.15 -16.33
C PHE B 114 -11.04 -20.44 -16.30
N LYS B 115 -12.03 -21.11 -15.77
CA LYS B 115 -13.26 -20.41 -15.45
C LYS B 115 -13.94 -21.01 -14.24
N VAL B 116 -14.69 -20.16 -13.53
CA VAL B 116 -15.54 -20.66 -12.50
C VAL B 116 -16.98 -20.34 -12.88
N ALA B 117 -17.84 -21.33 -12.69
CA ALA B 117 -19.25 -21.23 -13.02
C ALA B 117 -19.99 -20.38 -11.98
N ASP B 118 -21.31 -20.19 -12.17
CA ASP B 118 -22.04 -19.30 -11.27
C ASP B 118 -22.41 -19.98 -9.95
N GLU B 119 -23.07 -19.23 -9.06
CA GLU B 119 -23.40 -19.73 -7.70
C GLU B 119 -24.26 -20.98 -7.70
N ALA B 120 -25.20 -21.01 -8.64
CA ALA B 120 -26.10 -22.18 -8.78
C ALA B 120 -25.32 -23.41 -9.11
N GLU B 121 -24.19 -23.25 -9.84
CA GLU B 121 -23.34 -24.41 -10.15
C GLU B 121 -22.17 -24.51 -9.14
N LYS B 122 -22.38 -23.90 -7.98
CA LYS B 122 -21.44 -24.01 -6.89
C LYS B 122 -20.00 -23.50 -7.27
N TYR B 123 -19.93 -22.49 -8.14
CA TYR B 123 -18.67 -21.93 -8.61
C TYR B 123 -17.72 -23.05 -9.06
N ASN B 124 -18.29 -24.04 -9.76
CA ASN B 124 -17.57 -25.16 -10.33
C ASN B 124 -16.30 -24.70 -11.08
N LEU B 125 -15.20 -25.42 -10.90
CA LEU B 125 -13.97 -25.13 -11.58
C LEU B 125 -13.96 -25.85 -12.95
N VAL B 126 -13.66 -25.08 -13.98
CA VAL B 126 -13.39 -25.61 -15.32
C VAL B 126 -12.00 -25.13 -15.74
N LEU B 127 -11.09 -26.06 -15.76
CA LEU B 127 -9.67 -25.78 -15.96
C LEU B 127 -9.15 -26.46 -17.28
N GLY B 128 -8.39 -25.72 -18.08
CA GLY B 128 -7.77 -26.24 -19.32
C GLY B 128 -6.42 -26.81 -19.00
N ALA B 129 -5.70 -27.18 -20.04
CA ALA B 129 -4.43 -27.88 -19.89
C ALA B 129 -3.39 -27.09 -19.13
N PHE B 130 -2.60 -27.82 -18.36
CA PHE B 130 -1.36 -27.33 -17.84
C PHE B 130 -0.42 -26.96 -18.98
N VAL B 131 0.11 -25.74 -18.97
CA VAL B 131 1.02 -25.31 -20.02
C VAL B 131 2.47 -25.56 -19.59
N GLU B 132 2.85 -24.98 -18.46
CA GLU B 132 4.16 -25.17 -17.91
C GLU B 132 4.19 -24.57 -16.49
N GLY B 133 5.29 -24.81 -15.78
CA GLY B 133 5.56 -24.13 -14.53
C GLY B 133 6.44 -24.87 -13.59
N SER B 134 7.37 -24.14 -13.01
CA SER B 134 8.32 -24.72 -12.08
C SER B 134 7.68 -25.21 -10.77
N ALA B 135 6.42 -24.82 -10.45
CA ALA B 135 5.74 -25.35 -9.28
C ALA B 135 5.09 -26.70 -9.56
N GLY B 136 5.00 -27.09 -10.83
CA GLY B 136 4.32 -28.32 -11.20
C GLY B 136 2.80 -28.14 -11.16
N ASP B 137 2.09 -29.13 -11.69
CA ASP B 137 0.64 -29.12 -11.78
C ASP B 137 -0.03 -29.65 -10.52
N SER B 138 -0.60 -28.76 -9.71
CA SER B 138 -1.42 -29.22 -8.57
C SER B 138 -2.80 -28.65 -8.61
N LEU B 139 -3.32 -28.43 -9.81
CA LEU B 139 -4.70 -27.97 -9.91
C LEU B 139 -5.58 -28.82 -10.81
N THR B 140 -5.00 -29.48 -11.83
CA THR B 140 -5.81 -30.37 -12.71
C THR B 140 -6.60 -31.37 -11.89
N PHE B 141 -5.99 -31.90 -10.85
CA PHE B 141 -6.72 -32.81 -9.89
C PHE B 141 -8.09 -32.27 -9.43
N HIS B 142 -8.21 -30.94 -9.38
CA HIS B 142 -9.44 -30.28 -8.89
C HIS B 142 -10.47 -29.93 -9.96
N ASN B 143 -10.16 -30.26 -11.22
CA ASN B 143 -11.06 -29.94 -12.33
C ASN B 143 -12.48 -30.50 -12.13
N ASN B 144 -13.48 -29.72 -12.49
CA ASN B 144 -14.86 -30.11 -12.49
C ASN B 144 -15.41 -30.40 -11.09
N GLN B 145 -14.96 -29.64 -10.10
CA GLN B 145 -15.45 -29.77 -8.77
C GLN B 145 -16.02 -28.44 -8.30
N SER B 146 -17.11 -28.56 -7.59
CA SER B 146 -17.70 -27.47 -6.82
C SER B 146 -16.77 -26.85 -5.78
N PHE B 147 -16.97 -25.55 -5.51
CA PHE B 147 -16.28 -24.88 -4.42
C PHE B 147 -16.94 -25.29 -3.09
N SER B 148 -16.16 -25.36 -2.01
CA SER B 148 -16.67 -25.65 -0.67
C SER B 148 -16.03 -24.74 0.33
N THR B 149 -16.83 -24.38 1.35
CA THR B 149 -16.37 -23.68 2.52
C THR B 149 -16.79 -24.48 3.75
N LYS B 150 -16.36 -24.05 4.93
CA LYS B 150 -16.65 -24.76 6.19
C LYS B 150 -18.11 -25.03 6.36
N ASP B 151 -18.95 -24.04 6.02
CA ASP B 151 -20.37 -24.13 6.21
C ASP B 151 -21.13 -24.61 5.00
N GLN B 152 -20.45 -24.87 3.87
CA GLN B 152 -21.16 -25.46 2.68
C GLN B 152 -20.29 -26.51 2.00
N ASP B 153 -20.54 -27.78 2.33
CA ASP B 153 -19.67 -28.92 2.04
C ASP B 153 -20.22 -29.47 0.70
N ASN B 154 -19.51 -29.22 -0.39
CA ASN B 154 -19.85 -29.84 -1.72
C ASN B 154 -18.72 -30.77 -2.19
N ASP B 155 -17.94 -31.29 -1.26
CA ASP B 155 -16.74 -32.04 -1.58
C ASP B 155 -17.06 -33.55 -1.74
N LEU B 156 -16.06 -34.36 -2.03
CA LEU B 156 -16.22 -35.80 -2.23
C LEU B 156 -15.71 -36.60 -1.06
N ASN B 157 -15.65 -35.97 0.10
CA ASN B 157 -15.22 -36.62 1.31
C ASN B 157 -16.47 -36.79 2.15
N THR B 158 -16.45 -37.89 2.89
CA THR B 158 -17.44 -38.28 3.82
C THR B 158 -17.50 -37.30 5.02
N GLY B 159 -16.37 -36.70 5.39
CA GLY B 159 -16.39 -35.54 6.33
C GLY B 159 -16.28 -34.19 5.59
N ASN B 160 -15.69 -33.21 6.28
CA ASN B 160 -15.66 -31.83 5.85
C ASN B 160 -14.21 -31.39 5.54
N CYS B 161 -13.82 -31.40 4.27
CA CYS B 161 -12.48 -31.01 3.88
C CYS B 161 -12.08 -29.59 4.36
N ALA B 162 -12.97 -28.62 4.17
CA ALA B 162 -12.67 -27.24 4.50
C ALA B 162 -12.32 -27.05 5.99
N VAL B 163 -12.99 -27.79 6.87
CA VAL B 163 -12.67 -27.78 8.30
C VAL B 163 -11.40 -28.57 8.56
N MET B 164 -11.26 -29.73 7.92
CA MET B 164 -10.08 -30.57 8.15
C MET B 164 -8.77 -29.91 7.68
N PHE B 165 -8.86 -29.09 6.62
CA PHE B 165 -7.66 -28.44 6.06
C PHE B 165 -7.67 -26.91 6.17
N GLN B 166 -8.62 -26.39 6.98
CA GLN B 166 -8.76 -24.99 7.32
C GLN B 166 -8.64 -23.98 6.13
N GLY B 167 -9.47 -24.21 5.14
CA GLY B 167 -9.46 -23.42 3.88
C GLY B 167 -10.81 -23.37 3.19
N ALA B 168 -10.79 -23.00 1.95
CA ALA B 168 -11.93 -22.98 1.06
C ALA B 168 -11.38 -23.20 -0.32
N TRP B 169 -11.98 -24.12 -1.04
CA TRP B 169 -11.40 -24.57 -2.32
C TRP B 169 -12.36 -25.51 -3.02
N TRP B 170 -11.98 -25.89 -4.24
CA TRP B 170 -12.67 -26.92 -4.99
C TRP B 170 -12.26 -28.32 -4.52
N TYR B 171 -12.50 -28.60 -3.25
CA TYR B 171 -12.02 -29.82 -2.63
C TYR B 171 -12.71 -31.07 -3.19
N LYS B 172 -11.91 -32.13 -3.33
CA LYS B 172 -12.40 -33.46 -3.70
C LYS B 172 -12.36 -34.34 -2.51
N ASN B 173 -11.28 -35.08 -2.33
CA ASN B 173 -11.14 -35.97 -1.19
C ASN B 173 -9.68 -36.10 -0.72
N CYS B 174 -8.96 -35.00 -0.35
CA CYS B 174 -9.48 -33.65 -0.34
C CYS B 174 -8.76 -32.72 -1.32
N HIS B 175 -7.41 -32.71 -1.29
CA HIS B 175 -6.70 -31.75 -2.10
C HIS B 175 -5.27 -32.12 -2.41
N VAL B 176 -4.80 -31.48 -3.49
CA VAL B 176 -3.36 -31.35 -3.75
C VAL B 176 -2.91 -29.87 -3.74
N SER B 177 -3.84 -28.92 -3.74
CA SER B 177 -3.54 -27.53 -3.52
C SER B 177 -4.55 -26.96 -2.53
N ASN B 178 -4.13 -25.93 -1.78
CA ASN B 178 -4.89 -25.36 -0.64
C ASN B 178 -4.47 -23.91 -0.40
N LEU B 179 -4.50 -23.07 -1.46
CA LEU B 179 -3.91 -21.75 -1.37
C LEU B 179 -4.64 -20.76 -0.52
N ASN B 180 -5.88 -21.09 -0.16
CA ASN B 180 -6.66 -20.30 0.82
C ASN B 180 -6.57 -20.95 2.20
N GLY B 181 -5.57 -21.80 2.43
CA GLY B 181 -5.29 -22.35 3.72
C GLY B 181 -4.63 -21.36 4.72
N ARG B 182 -4.25 -21.86 5.89
CA ARG B 182 -3.69 -21.02 6.92
C ARG B 182 -2.31 -20.55 6.56
N TYR B 183 -2.00 -19.34 7.03
CA TYR B 183 -0.67 -18.74 6.79
C TYR B 183 0.37 -19.25 7.80
N LEU B 184 0.97 -20.40 7.54
CA LEU B 184 1.74 -21.08 8.58
C LEU B 184 3.23 -20.82 8.51
N ARG B 185 3.72 -20.08 7.50
CA ARG B 185 5.10 -19.56 7.51
C ARG B 185 6.17 -20.61 7.37
N GLY B 186 6.26 -21.24 6.18
CA GLY B 186 7.31 -22.18 5.92
C GLY B 186 6.94 -23.58 6.38
N THR B 187 7.94 -24.30 6.86
N THR B 187 7.94 -24.31 6.88
CA THR B 187 7.77 -25.72 7.15
CA THR B 187 7.73 -25.70 7.21
C THR B 187 6.88 -25.84 8.43
C THR B 187 6.80 -25.77 8.41
N HIS B 188 5.91 -26.75 8.39
CA HIS B 188 4.95 -26.95 9.49
C HIS B 188 4.76 -28.42 9.62
N GLY B 189 4.68 -28.89 10.85
CA GLY B 189 4.44 -30.32 11.10
C GLY B 189 3.02 -30.74 10.75
N SER B 190 2.04 -29.86 10.98
CA SER B 190 0.63 -30.12 10.68
C SER B 190 0.47 -30.51 9.20
N PHE B 191 -0.34 -31.53 8.93
CA PHE B 191 -0.56 -32.00 7.57
C PHE B 191 -1.55 -31.19 6.68
N ALA B 192 -0.99 -30.53 5.68
CA ALA B 192 -1.74 -30.08 4.51
C ALA B 192 -2.79 -28.99 4.81
N ASN B 193 -2.60 -28.26 5.89
CA ASN B 193 -3.54 -27.18 6.26
C ASN B 193 -2.99 -25.78 6.08
N GLY B 194 -1.89 -25.68 5.34
CA GLY B 194 -1.25 -24.38 5.08
C GLY B 194 -1.54 -23.92 3.65
N ILE B 195 -0.76 -22.93 3.18
CA ILE B 195 -0.80 -22.49 1.81
C ILE B 195 0.05 -23.45 1.01
N ASN B 196 -0.54 -24.60 0.65
CA ASN B 196 0.24 -25.70 0.15
C ASN B 196 -0.07 -26.05 -1.32
N TRP B 197 0.99 -26.44 -2.05
CA TRP B 197 0.95 -26.84 -3.46
C TRP B 197 1.77 -28.11 -3.53
N LYS B 198 1.07 -29.23 -3.60
CA LYS B 198 1.73 -30.52 -3.44
C LYS B 198 2.94 -30.77 -4.30
N SER B 199 2.85 -30.49 -5.60
CA SER B 199 3.95 -30.70 -6.54
C SER B 199 5.08 -29.68 -6.39
N GLY B 200 4.81 -28.58 -5.67
CA GLY B 200 5.83 -27.55 -5.38
C GLY B 200 6.66 -27.90 -4.15
N LYS B 201 6.36 -27.28 -3.02
CA LYS B 201 7.05 -27.55 -1.80
C LYS B 201 6.36 -28.56 -0.90
N GLY B 202 5.23 -29.14 -1.33
CA GLY B 202 4.68 -30.30 -0.61
C GLY B 202 3.62 -29.92 0.45
N TYR B 203 3.15 -30.93 1.16
CA TYR B 203 2.03 -30.74 2.06
C TYR B 203 2.41 -30.18 3.43
N ASN B 204 3.72 -29.93 3.66
CA ASN B 204 4.17 -29.42 4.93
C ASN B 204 5.03 -28.16 4.78
N TYR B 205 4.78 -27.41 3.73
CA TYR B 205 5.42 -26.11 3.56
C TYR B 205 4.40 -25.07 3.09
N SER B 206 4.30 -23.94 3.81
CA SER B 206 3.31 -22.88 3.57
C SER B 206 4.04 -21.68 3.01
N TYR B 207 3.72 -21.33 1.76
CA TYR B 207 4.41 -20.24 1.06
C TYR B 207 4.26 -18.89 1.71
N LYS B 208 5.19 -17.98 1.37
CA LYS B 208 5.17 -16.62 1.85
C LYS B 208 4.21 -15.74 1.01
N VAL B 209 4.19 -15.98 -0.31
CA VAL B 209 3.34 -15.26 -1.23
C VAL B 209 2.61 -16.25 -2.14
N SER B 210 1.32 -16.05 -2.28
CA SER B 210 0.53 -16.74 -3.28
C SER B 210 -0.24 -15.69 -4.07
N GLU B 211 -0.27 -15.78 -5.39
CA GLU B 211 -1.16 -14.96 -6.18
C GLU B 211 -1.79 -15.80 -7.27
N MET B 212 -3.09 -15.62 -7.48
CA MET B 212 -3.78 -16.30 -8.55
C MET B 212 -4.36 -15.21 -9.46
N LYS B 213 -4.14 -15.34 -10.77
CA LYS B 213 -4.44 -14.25 -11.69
C LYS B 213 -4.80 -14.73 -13.09
N VAL B 214 -5.55 -13.90 -13.82
CA VAL B 214 -6.04 -14.26 -15.18
C VAL B 214 -5.79 -13.20 -16.25
N ARG B 215 -5.71 -13.66 -17.48
CA ARG B 215 -5.47 -12.81 -18.66
C ARG B 215 -6.12 -13.49 -19.87
N PRO B 216 -6.74 -12.73 -20.81
CA PRO B 216 -7.22 -13.29 -22.12
C PRO B 216 -6.18 -14.09 -22.86
N ALA B 217 -6.53 -15.29 -23.35
CA ALA B 217 -5.53 -16.23 -23.96
C ALA B 217 -4.73 -15.77 -25.19
N PRO C 1 -23.41 14.10 -8.54
CA PRO C 1 -22.41 13.26 -7.83
C PRO C 1 -22.75 13.10 -6.34
N CYS C 2 -22.92 14.23 -5.66
CA CYS C 2 -23.09 14.22 -4.21
C CYS C 2 -24.41 13.60 -3.69
N LEU C 3 -25.58 13.98 -4.18
CA LEU C 3 -26.79 13.52 -3.47
C LEU C 3 -27.08 12.04 -3.66
N THR C 4 -26.59 11.45 -4.75
CA THR C 4 -26.63 9.99 -4.93
C THR C 4 -25.42 9.24 -4.27
N GLY C 5 -24.29 9.94 -4.12
CA GLY C 5 -23.04 9.32 -3.72
C GLY C 5 -22.92 8.87 -2.26
N PRO C 6 -21.96 7.98 -1.97
CA PRO C 6 -21.80 7.53 -0.59
C PRO C 6 -21.32 8.63 0.36
N ARG C 7 -21.86 8.61 1.57
CA ARG C 7 -21.55 9.60 2.58
C ARG C 7 -20.55 9.06 3.62
N THR C 8 -20.45 7.74 3.74
CA THR C 8 -19.62 7.07 4.76
C THR C 8 -19.13 5.73 4.23
N CYS C 9 -18.20 5.13 4.96
CA CYS C 9 -17.68 3.83 4.60
C CYS C 9 -18.76 2.79 4.80
N LYS C 10 -19.68 3.05 5.72
CA LYS C 10 -20.85 2.17 5.89
C LYS C 10 -21.75 2.12 4.65
N ASP C 11 -22.03 3.26 4.04
CA ASP C 11 -22.77 3.28 2.78
C ASP C 11 -22.07 2.46 1.69
N LEU C 12 -20.75 2.63 1.55
CA LEU C 12 -19.97 1.83 0.59
C LEU C 12 -20.06 0.31 0.83
N LEU C 13 -19.97 -0.12 2.08
CA LEU C 13 -20.19 -1.52 2.41
C LEU C 13 -21.59 -2.01 2.02
N ASP C 14 -22.61 -1.25 2.41
CA ASP C 14 -24.02 -1.55 2.06
C ASP C 14 -24.20 -1.57 0.54
N ARG C 15 -23.36 -0.86 -0.21
CA ARG C 15 -23.46 -0.94 -1.68
C ARG C 15 -22.56 -1.96 -2.35
N GLY C 16 -21.98 -2.87 -1.57
CA GLY C 16 -21.22 -3.98 -2.18
C GLY C 16 -19.74 -3.72 -2.33
N HIS C 17 -19.17 -2.76 -1.57
CA HIS C 17 -17.70 -2.60 -1.57
C HIS C 17 -17.15 -3.36 -0.39
N PHE C 18 -16.66 -4.57 -0.66
CA PHE C 18 -16.36 -5.49 0.43
C PHE C 18 -14.89 -5.47 0.90
N LEU C 19 -14.02 -4.79 0.18
N LEU C 19 -14.03 -4.77 0.17
CA LEU C 19 -12.59 -4.78 0.47
CA LEU C 19 -12.58 -4.75 0.43
C LEU C 19 -12.21 -3.50 1.15
C LEU C 19 -12.22 -3.48 1.15
N SER C 20 -11.41 -3.59 2.21
CA SER C 20 -10.86 -2.45 2.86
C SER C 20 -9.96 -1.69 1.90
N GLY C 21 -9.86 -0.41 2.14
CA GLY C 21 -8.98 0.43 1.32
C GLY C 21 -9.52 1.82 1.13
N TRP C 22 -8.88 2.58 0.24
CA TRP C 22 -9.19 4.02 0.16
C TRP C 22 -10.31 4.25 -0.85
N HIS C 23 -11.36 4.97 -0.47
CA HIS C 23 -12.50 5.25 -1.36
C HIS C 23 -12.94 6.71 -1.17
N THR C 24 -13.71 7.23 -2.13
CA THR C 24 -14.24 8.56 -2.04
C THR C 24 -15.61 8.57 -1.39
N ILE C 25 -15.81 9.47 -0.42
CA ILE C 25 -17.12 9.70 0.12
C ILE C 25 -17.41 11.18 -0.04
N TYR C 26 -18.67 11.56 0.17
CA TYR C 26 -19.08 12.98 0.04
C TYR C 26 -19.48 13.44 1.41
N LEU C 27 -18.77 14.44 1.90
CA LEU C 27 -19.04 15.01 3.22
C LEU C 27 -20.41 15.77 3.21
N PRO C 28 -20.96 16.13 4.40
CA PRO C 28 -22.27 16.83 4.42
C PRO C 28 -22.38 18.07 3.53
N ASP C 29 -21.30 18.78 3.31
CA ASP C 29 -21.29 19.93 2.38
C ASP C 29 -20.95 19.61 0.90
N CYS C 30 -20.95 18.32 0.57
CA CYS C 30 -20.69 17.79 -0.77
C CYS C 30 -19.26 17.77 -1.23
N ARG C 31 -18.33 18.25 -0.41
CA ARG C 31 -16.87 18.06 -0.73
C ARG C 31 -16.52 16.56 -0.79
N PRO C 32 -15.89 16.10 -1.89
CA PRO C 32 -15.37 14.75 -1.88
C PRO C 32 -14.12 14.59 -0.98
N LEU C 33 -13.99 13.46 -0.33
CA LEU C 33 -12.80 13.17 0.49
C LEU C 33 -12.50 11.69 0.29
N THR C 34 -11.24 11.37 0.02
CA THR C 34 -10.78 9.99 -0.08
C THR C 34 -10.35 9.49 1.30
N VAL C 35 -11.04 8.46 1.76
CA VAL C 35 -10.85 7.94 3.15
C VAL C 35 -10.56 6.44 3.19
N LEU C 36 -10.01 5.99 4.28
CA LEU C 36 -9.68 4.58 4.47
C LEU C 36 -10.86 3.90 5.14
N CYS C 37 -11.48 2.95 4.42
CA CYS C 37 -12.57 2.11 4.94
C CYS C 37 -12.03 0.76 5.49
N ASP C 38 -12.44 0.41 6.70
CA ASP C 38 -12.15 -0.87 7.33
C ASP C 38 -13.45 -1.62 7.17
N MET C 39 -13.46 -2.54 6.21
CA MET C 39 -14.64 -3.35 5.88
C MET C 39 -14.67 -4.66 6.67
N ASP C 40 -13.77 -4.86 7.62
CA ASP C 40 -13.78 -6.11 8.41
C ASP C 40 -14.17 -5.95 9.91
N THR C 41 -13.56 -5.03 10.64
CA THR C 41 -13.62 -5.02 12.11
C THR C 41 -15.06 -4.85 12.59
N ASP C 42 -15.56 -5.73 13.46
CA ASP C 42 -16.97 -5.62 13.98
C ASP C 42 -18.04 -5.56 12.94
N GLY C 43 -17.99 -6.38 11.91
CA GLY C 43 -18.94 -6.29 10.81
C GLY C 43 -18.54 -5.35 9.65
N GLY C 44 -17.56 -4.48 9.84
CA GLY C 44 -17.11 -3.57 8.76
C GLY C 44 -17.83 -2.24 8.69
N GLY C 45 -17.32 -1.35 7.83
CA GLY C 45 -17.95 -0.09 7.50
C GLY C 45 -17.44 1.08 8.32
N TRP C 46 -16.22 0.97 8.85
CA TRP C 46 -15.59 2.04 9.68
C TRP C 46 -14.75 2.93 8.80
N THR C 47 -14.81 4.23 9.07
CA THR C 47 -13.96 5.22 8.42
C THR C 47 -12.79 5.50 9.33
N VAL C 48 -11.59 5.18 8.86
CA VAL C 48 -10.40 5.30 9.72
C VAL C 48 -9.79 6.71 9.63
N PHE C 49 -9.65 7.40 10.76
CA PHE C 49 -9.06 8.76 10.79
C PHE C 49 -7.68 8.90 11.43
N GLN C 50 -7.21 7.85 12.07
CA GLN C 50 -5.82 7.82 12.57
C GLN C 50 -5.30 6.39 12.38
N ARG C 51 -4.06 6.30 11.94
CA ARG C 51 -3.39 5.04 11.82
C ARG C 51 -1.91 5.18 12.12
N ARG C 52 -1.44 4.35 13.04
CA ARG C 52 -0.04 4.16 13.30
C ARG C 52 0.29 2.69 13.07
N VAL C 53 1.47 2.40 12.50
CA VAL C 53 1.81 0.98 12.24
C VAL C 53 3.31 0.66 12.20
N ASP C 54 4.18 1.65 11.99
CA ASP C 54 5.63 1.36 11.91
C ASP C 54 6.55 2.50 12.24
N GLY C 55 6.02 3.64 12.70
CA GLY C 55 6.90 4.73 13.04
C GLY C 55 7.49 5.47 11.85
N SER C 56 6.98 5.28 10.63
CA SER C 56 7.49 5.97 9.47
C SER C 56 7.14 7.46 9.42
N VAL C 57 6.10 7.91 10.11
CA VAL C 57 5.62 9.31 10.02
C VAL C 57 5.80 10.03 11.34
N ASP C 58 6.21 11.28 11.26
CA ASP C 58 6.39 12.15 12.40
C ASP C 58 5.01 12.73 12.81
N PHE C 59 4.55 12.35 13.99
CA PHE C 59 3.27 12.83 14.52
C PHE C 59 3.45 14.02 15.48
N TYR C 60 4.72 14.47 15.69
CA TYR C 60 4.99 15.62 16.53
C TYR C 60 4.84 16.89 15.71
N ARG C 61 3.61 17.22 15.36
CA ARG C 61 3.30 18.26 14.39
C ARG C 61 2.52 19.42 14.96
N ASP C 62 2.54 20.52 14.22
CA ASP C 62 1.96 21.78 14.65
C ASP C 62 0.44 21.88 14.35
N TRP C 63 -0.17 22.97 14.77
CA TRP C 63 -1.63 23.15 14.71
C TRP C 63 -2.15 23.10 13.29
N ALA C 64 -1.48 23.84 12.39
CA ALA C 64 -1.83 23.87 10.97
C ALA C 64 -1.78 22.50 10.34
N THR C 65 -0.81 21.71 10.76
CA THR C 65 -0.63 20.41 10.16
C THR C 65 -1.71 19.41 10.67
N TYR C 66 -1.98 19.44 11.97
CA TYR C 66 -3.12 18.68 12.51
C TYR C 66 -4.46 19.06 11.91
N LYS C 67 -4.62 20.34 11.62
CA LYS C 67 -5.86 20.88 11.03
C LYS C 67 -6.10 20.28 9.66
N GLN C 68 -5.07 20.26 8.83
CA GLN C 68 -5.29 19.81 7.44
C GLN C 68 -5.17 18.31 7.23
N GLY C 69 -4.49 17.62 8.16
CA GLY C 69 -4.17 16.21 8.02
C GLY C 69 -2.79 16.00 7.42
N PHE C 70 -2.19 14.83 7.66
CA PHE C 70 -0.81 14.58 7.20
C PHE C 70 -0.52 13.10 7.18
N GLY C 71 0.57 12.74 6.50
CA GLY C 71 0.99 11.35 6.39
C GLY C 71 0.68 10.79 5.03
N SER C 72 0.42 9.47 4.96
CA SER C 72 0.35 8.77 3.68
C SER C 72 -0.68 7.71 3.66
N ARG C 73 -1.45 7.67 2.60
CA ARG C 73 -2.38 6.61 2.37
C ARG C 73 -1.70 5.22 2.36
N LEU C 74 -0.43 5.18 2.00
CA LEU C 74 0.33 3.95 1.99
C LEU C 74 0.73 3.51 3.41
N GLY C 75 0.48 4.33 4.44
CA GLY C 75 0.89 3.94 5.81
C GLY C 75 0.19 4.68 6.93
N GLU C 76 0.95 5.51 7.63
CA GLU C 76 0.46 6.17 8.83
C GLU C 76 -0.12 7.48 8.44
N PHE C 77 -1.16 7.92 9.13
CA PHE C 77 -1.75 9.22 8.84
C PHE C 77 -2.68 9.73 9.95
N TRP C 78 -2.92 11.03 9.90
CA TRP C 78 -3.99 11.71 10.66
C TRP C 78 -4.85 12.42 9.60
N LEU C 79 -6.13 12.13 9.56
CA LEU C 79 -6.99 12.55 8.43
C LEU C 79 -7.23 14.05 8.45
N GLY C 80 -7.07 14.66 9.60
CA GLY C 80 -7.15 16.10 9.68
C GLY C 80 -8.33 16.55 10.51
N ASN C 81 -8.10 17.55 11.38
CA ASN C 81 -9.14 17.98 12.32
C ASN C 81 -10.38 18.59 11.60
N ASP C 82 -10.19 19.33 10.53
CA ASP C 82 -11.38 19.87 9.78
C ASP C 82 -12.19 18.72 9.21
N ASN C 83 -11.51 17.71 8.65
CA ASN C 83 -12.21 16.55 8.12
C ASN C 83 -12.91 15.72 9.19
N ILE C 84 -12.28 15.56 10.33
CA ILE C 84 -12.86 14.73 11.39
C ILE C 84 -14.07 15.42 11.98
N HIS C 85 -13.98 16.75 12.13
CA HIS C 85 -15.16 17.54 12.47
C HIS C 85 -16.29 17.34 11.48
N ALA C 86 -15.99 17.50 10.19
CA ALA C 86 -17.04 17.31 9.18
C ALA C 86 -17.67 15.93 9.22
N LEU C 87 -16.86 14.90 9.45
CA LEU C 87 -17.37 13.56 9.50
C LEU C 87 -18.26 13.31 10.74
N THR C 88 -17.97 13.95 11.85
CA THR C 88 -18.65 13.61 13.07
C THR C 88 -19.69 14.66 13.53
N ALA C 89 -19.90 15.72 12.75
CA ALA C 89 -20.79 16.80 13.17
C ALA C 89 -22.26 16.25 13.27
N GLN C 90 -22.86 15.82 12.14
CA GLN C 90 -24.29 15.45 12.04
C GLN C 90 -24.51 13.97 11.73
N GLY C 91 -25.51 13.36 12.38
CA GLY C 91 -25.70 11.90 12.36
C GLY C 91 -24.72 11.41 13.44
N THR C 92 -24.95 10.36 14.24
CA THR C 92 -23.97 10.18 15.35
C THR C 92 -23.14 8.96 15.16
N SER C 93 -21.86 9.19 15.31
CA SER C 93 -20.90 8.19 15.03
C SER C 93 -20.45 7.60 16.30
N GLU C 94 -20.34 6.29 16.33
CA GLU C 94 -19.55 5.60 17.34
C GLU C 94 -18.06 5.67 16.99
N LEU C 95 -17.25 5.49 18.00
CA LEU C 95 -15.81 5.48 17.87
C LEU C 95 -15.28 4.13 18.33
N ARG C 96 -14.34 3.59 17.58
CA ARG C 96 -13.60 2.45 17.98
C ARG C 96 -12.12 2.75 17.88
N VAL C 97 -11.39 2.33 18.91
CA VAL C 97 -9.94 2.44 18.97
C VAL C 97 -9.38 1.03 18.97
N ASP C 98 -8.57 0.67 17.97
CA ASP C 98 -7.97 -0.66 17.84
C ASP C 98 -6.51 -0.50 18.15
N LEU C 99 -6.01 -1.37 19.04
CA LEU C 99 -4.63 -1.34 19.49
C LEU C 99 -4.01 -2.73 19.40
N VAL C 100 -2.78 -2.82 18.90
CA VAL C 100 -2.02 -4.09 18.86
C VAL C 100 -0.63 -3.88 19.50
N ASP C 101 -0.31 -4.68 20.50
CA ASP C 101 1.06 -4.63 21.06
C ASP C 101 2.09 -5.43 20.23
N PHE C 102 3.34 -5.43 20.67
CA PHE C 102 4.42 -6.06 19.89
C PHE C 102 4.41 -7.56 19.98
N GLU C 103 3.58 -8.13 20.83
CA GLU C 103 3.40 -9.61 20.88
C GLU C 103 2.13 -10.02 20.16
N ASP C 104 1.61 -9.14 19.31
CA ASP C 104 0.35 -9.35 18.61
C ASP C 104 -0.88 -9.58 19.46
N ASN C 105 -0.90 -9.09 20.71
CA ASN C 105 -2.20 -9.04 21.46
C ASN C 105 -3.01 -7.81 21.03
N TYR C 106 -4.27 -8.03 20.69
CA TYR C 106 -5.24 -7.07 20.19
C TYR C 106 -6.08 -6.64 21.36
N GLN C 107 -6.30 -5.33 21.49
CA GLN C 107 -7.19 -4.79 22.49
C GLN C 107 -7.96 -3.63 21.82
N PHE C 108 -9.12 -3.29 22.36
CA PHE C 108 -9.96 -2.24 21.75
C PHE C 108 -10.73 -1.50 22.81
N ALA C 109 -11.20 -0.31 22.44
CA ALA C 109 -12.19 0.39 23.18
C ALA C 109 -13.25 0.96 22.25
N LYS C 110 -14.51 0.98 22.69
CA LYS C 110 -15.59 1.46 21.86
C LYS C 110 -16.51 2.39 22.65
N TYR C 111 -16.87 3.52 22.02
CA TYR C 111 -17.64 4.59 22.63
C TYR C 111 -18.90 4.81 21.80
N ARG C 112 -20.01 5.05 22.48
CA ARG C 112 -21.29 5.16 21.82
C ARG C 112 -21.44 6.35 20.87
N SER C 113 -20.75 7.46 21.14
CA SER C 113 -20.75 8.59 20.26
C SER C 113 -19.44 9.32 20.38
N PHE C 114 -19.08 10.03 19.30
CA PHE C 114 -17.82 10.71 19.24
C PHE C 114 -17.99 11.86 18.25
N LYS C 115 -17.68 13.08 18.71
CA LYS C 115 -17.60 14.16 17.81
C LYS C 115 -16.56 15.16 18.24
N VAL C 116 -15.98 15.80 17.22
CA VAL C 116 -15.09 16.89 17.52
C VAL C 116 -15.67 18.15 16.92
N ALA C 117 -15.61 19.23 17.68
CA ALA C 117 -16.21 20.53 17.29
C ALA C 117 -15.31 21.22 16.25
N ASP C 118 -15.68 22.43 15.83
CA ASP C 118 -14.95 23.10 14.73
C ASP C 118 -13.73 23.79 15.28
N GLU C 119 -13.00 24.43 14.37
CA GLU C 119 -11.71 25.05 14.74
C GLU C 119 -11.87 26.16 15.79
N ALA C 120 -12.92 26.96 15.64
CA ALA C 120 -13.20 28.03 16.56
C ALA C 120 -13.40 27.47 17.99
N GLU C 121 -13.97 26.26 18.12
CA GLU C 121 -14.11 25.61 19.43
C GLU C 121 -12.92 24.67 19.74
N LYS C 122 -11.80 24.89 19.01
CA LYS C 122 -10.55 24.15 19.23
C LYS C 122 -10.71 22.66 19.09
N TYR C 123 -11.60 22.22 18.24
CA TYR C 123 -11.83 20.81 17.97
C TYR C 123 -12.11 20.09 19.27
N ASN C 124 -12.83 20.77 20.15
CA ASN C 124 -13.28 20.20 21.41
C ASN C 124 -13.80 18.72 21.22
N LEU C 125 -13.40 17.84 22.13
CA LEU C 125 -13.88 16.45 22.14
C LEU C 125 -15.20 16.32 22.89
N VAL C 126 -16.19 15.72 22.23
CA VAL C 126 -17.49 15.38 22.85
C VAL C 126 -17.70 13.90 22.68
N LEU C 127 -17.64 13.20 23.80
CA LEU C 127 -17.58 11.73 23.86
C LEU C 127 -18.78 11.16 24.65
N GLY C 128 -19.45 10.16 24.09
CA GLY C 128 -20.50 9.42 24.73
C GLY C 128 -19.92 8.31 25.64
N ALA C 129 -20.81 7.45 26.12
CA ALA C 129 -20.47 6.40 27.05
C ALA C 129 -19.51 5.33 26.46
N PHE C 130 -18.61 4.87 27.31
CA PHE C 130 -17.83 3.71 27.07
C PHE C 130 -18.77 2.54 26.89
N VAL C 131 -18.67 1.78 25.78
CA VAL C 131 -19.55 0.62 25.56
C VAL C 131 -18.91 -0.67 26.06
N GLU C 132 -17.71 -0.96 25.57
CA GLU C 132 -16.98 -2.14 25.92
C GLU C 132 -15.57 -2.00 25.34
N GLY C 133 -14.69 -2.90 25.78
CA GLY C 133 -13.38 -3.03 25.22
C GLY C 133 -12.33 -3.53 26.19
N SER C 134 -11.57 -4.50 25.71
CA SER C 134 -10.48 -5.09 26.45
C SER C 134 -9.38 -4.09 26.80
N ALA C 135 -9.27 -2.94 26.11
CA ALA C 135 -8.23 -1.97 26.45
C ALA C 135 -8.61 -1.08 27.62
N GLY C 136 -9.88 -1.08 27.99
CA GLY C 136 -10.34 -0.24 29.09
C GLY C 136 -10.53 1.20 28.63
N ASP C 137 -11.15 2.00 29.50
CA ASP C 137 -11.54 3.36 29.16
C ASP C 137 -10.43 4.35 29.44
N SER C 138 -9.71 4.79 28.42
CA SER C 138 -8.74 5.86 28.65
C SER C 138 -9.02 7.08 27.79
N LEU C 139 -10.29 7.34 27.54
CA LEU C 139 -10.66 8.55 26.73
C LEU C 139 -11.73 9.43 27.42
N THR C 140 -12.60 8.85 28.24
CA THR C 140 -13.59 9.66 29.02
C THR C 140 -12.91 10.79 29.81
N PHE C 141 -11.77 10.50 30.42
CA PHE C 141 -10.94 11.55 31.10
C PHE C 141 -10.72 12.80 30.23
N HIS C 142 -10.68 12.62 28.91
CA HIS C 142 -10.44 13.74 27.97
C HIS C 142 -11.68 14.48 27.48
N ASN C 143 -12.85 14.07 27.92
CA ASN C 143 -14.11 14.64 27.45
C ASN C 143 -14.18 16.15 27.68
N ASN C 144 -14.71 16.87 26.69
CA ASN C 144 -14.96 18.28 26.78
C ASN C 144 -13.66 19.08 26.97
N GLN C 145 -12.57 18.63 26.34
CA GLN C 145 -11.33 19.36 26.29
C GLN C 145 -10.92 19.69 24.83
N SER C 146 -10.42 20.91 24.72
CA SER C 146 -9.82 21.42 23.50
C SER C 146 -8.69 20.53 23.03
N PHE C 147 -8.48 20.49 21.71
CA PHE C 147 -7.25 19.90 21.15
C PHE C 147 -6.06 20.87 21.37
N SER C 148 -4.87 20.33 21.62
CA SER C 148 -3.62 21.08 21.77
C SER C 148 -2.48 20.40 20.96
N THR C 149 -1.63 21.26 20.41
CA THR C 149 -0.37 20.89 19.74
C THR C 149 0.75 21.68 20.38
N LYS C 150 1.99 21.30 20.04
CA LYS C 150 3.22 21.89 20.62
C LYS C 150 3.18 23.41 20.53
N ASP C 151 2.66 23.96 19.43
CA ASP C 151 2.62 25.42 19.23
C ASP C 151 1.31 26.08 19.58
N GLN C 152 0.32 25.32 20.06
CA GLN C 152 -0.94 25.93 20.52
C GLN C 152 -1.42 25.16 21.75
N ASP C 153 -1.16 25.75 22.92
CA ASP C 153 -1.41 25.14 24.24
C ASP C 153 -2.79 25.56 24.72
N ASN C 154 -3.73 24.64 24.68
CA ASN C 154 -5.09 24.88 25.19
C ASN C 154 -5.39 23.98 26.36
N ASP C 155 -4.35 23.44 26.98
CA ASP C 155 -4.51 22.37 27.99
C ASP C 155 -4.75 22.96 29.39
N LEU C 156 -4.87 22.11 30.43
CA LEU C 156 -5.10 22.60 31.80
C LEU C 156 -3.85 22.48 32.67
N ASN C 157 -2.68 22.50 32.04
CA ASN C 157 -1.41 22.43 32.73
C ASN C 157 -0.76 23.80 32.61
N THR C 158 0.00 24.14 33.64
CA THR C 158 0.85 25.31 33.74
C THR C 158 1.98 25.28 32.65
N GLY C 159 2.51 24.10 32.37
CA GLY C 159 3.40 23.95 31.23
C GLY C 159 2.64 23.48 29.97
N ASN C 160 3.39 22.85 29.09
CA ASN C 160 2.93 22.52 27.74
C ASN C 160 2.86 20.96 27.60
N CYS C 161 1.68 20.40 27.75
CA CYS C 161 1.53 18.95 27.67
C CYS C 161 2.04 18.34 26.34
N ALA C 162 1.69 18.96 25.22
CA ALA C 162 2.12 18.42 23.90
C ALA C 162 3.64 18.26 23.80
N VAL C 163 4.37 19.21 24.40
CA VAL C 163 5.83 19.19 24.39
C VAL C 163 6.29 18.17 25.36
N MET C 164 5.72 18.17 26.54
CA MET C 164 6.18 17.24 27.57
C MET C 164 5.97 15.81 27.16
N PHE C 165 4.86 15.56 26.44
CA PHE C 165 4.50 14.18 26.11
C PHE C 165 4.60 13.88 24.61
N GLN C 166 5.24 14.81 23.88
N GLN C 166 5.25 14.81 23.88
CA GLN C 166 5.65 14.67 22.50
CA GLN C 166 5.68 14.66 22.46
C GLN C 166 4.56 14.13 21.58
C GLN C 166 4.57 14.18 21.51
N GLY C 167 3.41 14.83 21.61
CA GLY C 167 2.21 14.44 20.84
C GLY C 167 1.29 15.60 20.53
N ALA C 168 0.03 15.27 20.28
CA ALA C 168 -1.04 16.23 20.06
C ALA C 168 -2.35 15.52 20.44
N TRP C 169 -3.17 16.16 21.25
CA TRP C 169 -4.33 15.48 21.86
C TRP C 169 -5.14 16.46 22.61
N TRP C 170 -6.28 15.96 23.09
CA TRP C 170 -7.21 16.77 23.91
C TRP C 170 -6.72 16.82 25.36
N TYR C 171 -5.49 17.32 25.56
CA TYR C 171 -4.77 17.19 26.83
C TYR C 171 -5.44 17.99 27.93
N LYS C 172 -5.41 17.44 29.15
CA LYS C 172 -5.91 18.10 30.35
C LYS C 172 -4.69 18.46 31.21
N ASN C 173 -4.36 17.64 32.21
CA ASN C 173 -3.23 17.87 33.07
C ASN C 173 -2.57 16.52 33.47
N CYS C 174 -2.09 15.68 32.53
CA CYS C 174 -2.12 15.93 31.08
C CYS C 174 -2.95 14.86 30.35
N HIS C 175 -2.66 13.57 30.59
CA HIS C 175 -3.34 12.55 29.82
C HIS C 175 -3.35 11.20 30.46
N VAL C 176 -4.32 10.43 29.98
CA VAL C 176 -4.33 8.98 30.16
C VAL C 176 -4.31 8.23 28.82
N SER C 177 -4.53 8.93 27.71
CA SER C 177 -4.20 8.39 26.35
C SER C 177 -3.39 9.43 25.57
N ASN C 178 -2.55 8.94 24.62
CA ASN C 178 -1.59 9.77 23.88
C ASN C 178 -1.25 9.07 22.57
N LEU C 179 -2.28 8.75 21.80
CA LEU C 179 -2.06 7.87 20.61
C LEU C 179 -1.32 8.54 19.44
N ASN C 180 -1.23 9.86 19.49
CA ASN C 180 -0.36 10.59 18.56
C ASN C 180 1.01 10.88 19.15
N GLY C 181 1.40 10.10 20.15
CA GLY C 181 2.77 10.21 20.68
C GLY C 181 3.87 9.58 19.82
N ARG C 182 5.08 9.47 20.37
CA ARG C 182 6.19 8.92 19.63
C ARG C 182 6.10 7.39 19.49
N TYR C 183 6.61 6.89 18.37
CA TYR C 183 6.60 5.49 18.06
C TYR C 183 7.80 4.83 18.76
N LEU C 184 7.64 4.45 20.02
CA LEU C 184 8.78 4.01 20.84
C LEU C 184 8.95 2.48 20.93
N ARG C 185 8.06 1.72 20.31
CA ARG C 185 8.29 0.29 20.08
C ARG C 185 8.30 -0.57 21.37
N GLY C 186 7.20 -0.63 22.09
CA GLY C 186 7.08 -1.43 23.27
C GLY C 186 7.52 -0.68 24.50
N THR C 187 8.20 -1.38 25.42
CA THR C 187 8.56 -0.78 26.70
C THR C 187 9.58 0.34 26.50
N HIS C 188 9.38 1.44 27.19
CA HIS C 188 10.26 2.63 27.13
C HIS C 188 10.34 3.26 28.53
N GLY C 189 11.55 3.69 28.91
CA GLY C 189 11.82 4.27 30.23
C GLY C 189 11.32 5.69 30.36
N SER C 190 11.28 6.40 29.23
CA SER C 190 10.70 7.76 29.16
C SER C 190 9.20 7.70 29.56
N PHE C 191 8.76 8.66 30.34
CA PHE C 191 7.43 8.63 30.90
C PHE C 191 6.33 9.20 29.97
N ALA C 192 5.42 8.33 29.54
CA ALA C 192 4.12 8.73 28.99
C ALA C 192 4.21 9.56 27.68
N ASN C 193 5.30 9.39 26.95
CA ASN C 193 5.48 10.11 25.67
C ASN C 193 5.40 9.23 24.42
N GLY C 194 4.93 8.00 24.62
CA GLY C 194 4.79 7.08 23.55
C GLY C 194 3.34 6.98 23.09
N ILE C 195 3.05 5.96 22.26
CA ILE C 195 1.67 5.66 21.87
C ILE C 195 1.03 4.89 23.01
N ASN C 196 0.49 5.64 23.97
CA ASN C 196 0.13 5.03 25.26
C ASN C 196 -1.39 5.10 25.48
N TRP C 197 -1.92 4.06 26.13
CA TRP C 197 -3.30 4.01 26.56
C TRP C 197 -3.18 3.47 28.00
N LYS C 198 -3.38 4.37 28.96
CA LYS C 198 -3.06 4.02 30.35
C LYS C 198 -3.69 2.71 30.83
N SER C 199 -5.00 2.54 30.63
CA SER C 199 -5.73 1.38 31.13
C SER C 199 -5.41 0.14 30.32
N GLY C 200 -4.73 0.30 29.18
CA GLY C 200 -4.25 -0.87 28.40
C GLY C 200 -2.86 -1.36 28.86
N LYS C 201 -1.79 -0.94 28.20
CA LYS C 201 -0.45 -1.28 28.59
C LYS C 201 0.35 -0.19 29.38
N GLY C 202 -0.32 0.88 29.76
CA GLY C 202 0.26 1.81 30.75
C GLY C 202 1.08 2.93 30.13
N TYR C 203 1.78 3.67 30.99
CA TYR C 203 2.48 4.90 30.57
C TYR C 203 3.89 4.66 30.04
N ASN C 204 4.33 3.38 30.03
CA ASN C 204 5.66 3.04 29.56
C ASN C 204 5.70 1.96 28.52
N TYR C 205 4.60 1.82 27.76
CA TYR C 205 4.53 0.91 26.68
C TYR C 205 3.84 1.53 25.47
N SER C 206 4.54 1.52 24.33
CA SER C 206 4.11 2.12 23.11
C SER C 206 3.69 1.01 22.14
N TYR C 207 2.41 1.02 21.78
CA TYR C 207 1.81 0.00 20.91
C TYR C 207 2.46 -0.06 19.55
N LYS C 208 2.29 -1.21 18.90
CA LYS C 208 2.77 -1.39 17.54
C LYS C 208 1.77 -0.79 16.50
N VAL C 209 0.49 -0.96 16.76
CA VAL C 209 -0.57 -0.49 15.84
C VAL C 209 -1.57 0.27 16.70
N SER C 210 -2.01 1.43 16.20
CA SER C 210 -3.19 2.09 16.74
C SER C 210 -4.05 2.57 15.56
N GLU C 211 -5.36 2.35 15.63
CA GLU C 211 -6.27 2.90 14.65
C GLU C 211 -7.44 3.50 15.39
N MET C 212 -7.89 4.65 14.94
CA MET C 212 -9.05 5.31 15.50
C MET C 212 -10.02 5.45 14.34
N LYS C 213 -11.28 5.03 14.55
CA LYS C 213 -12.22 4.92 13.41
C LYS C 213 -13.68 5.13 13.83
N VAL C 214 -14.48 5.62 12.88
CA VAL C 214 -15.88 5.93 13.17
C VAL C 214 -16.89 5.25 12.22
N ARG C 215 -18.10 5.06 12.73
CA ARG C 215 -19.21 4.43 11.97
C ARG C 215 -20.52 4.94 12.58
N PRO C 216 -21.55 5.22 11.77
CA PRO C 216 -22.90 5.50 12.32
C PRO C 216 -23.33 4.52 13.45
N ALA C 217 -23.72 5.05 14.60
CA ALA C 217 -24.05 4.17 15.77
C ALA C 217 -25.31 3.41 15.47
#